data_6EC7
#
_entry.id   6EC7
#
_cell.length_a   44.819
_cell.length_b   96.406
_cell.length_c   107.013
_cell.angle_alpha   90.00
_cell.angle_beta   98.76
_cell.angle_gamma   90.00
#
_symmetry.space_group_name_H-M   'P 1 21 1'
#
loop_
_entity.id
_entity.type
_entity.pdbx_description
1 polymer 'Lantibiotic dehydratase domain protein'
2 water water
#
_entity_poly.entity_id   1
_entity_poly.type   'polypeptide(L)'
_entity_poly.pdbx_seq_one_letter_code
;SGSMRLVERRFPVAMTSTAPKVAVRECGLPVSAIESLCCTDSFALIRRQVRETAWLKGEGKRLAVDLGLLIGERGDGDDG
LRPVLVGLRRALHTGRLPDAREWTPRVASALPAELAARVADWVTRMRALTRARRELPELFAAEARVKEKVLAQVAADPGF
RRALSLASPELAADLDRWLAEPARRPKTQKLLRLAKYVARAAVKTSPYSTFTSMGVAVWENGEDWADGAIVRFAPREPPS
VILEPSGEWLHGALRAWLARPENLVRSRLRLNPSLVIRADKAEFLGFPPREPIIRMGLTPVVATVLRLAEPAADADGWID
PMGFRDRLARDLPAEPEQVDRLLRSLIEAGVLEAHPLTRAGLPETGEWAEIRAALRHDPHGEDPEAYRVRLARLKRAMTM
MWPQGDTTALLHETAVVTRPVASLNPTAWGRGLSDLDVVRRWLSVFDGKLPIRIVVAEYLRARYGEHARVPFLTFHRHVQ
EEIAGDAPSGADLRTFVGRSAAIWAPPLAHSRLPRLRELAKLREAARELALGRPEHDGIQRVDPEELIKQMATWPEWIVV
PRSCACYVQPAPEGRLVLNVVHGGHGRGLRRLSHLIGRVRGEAVDHPMVADEPEGTVYAELSGSLGSTLNVHVPGTRYEI
DYPFSPGDRSRDRRLPLSDLEVVLAPETGLAELRSRRLGFRVIPLHLGMAAEFQLPPAARFLERAFGVTYLLHPSAPPLL
RIGEVPPPQEVTRYPRVEVGRVVVQRRRWLAPAGTLPIRAKGEDDASYLLRLVAWTDANGIPTRSFVRAWQERMVQAGQD
KARKPLFLDLANPFLVKVFERQIRDCAFVLFEEALPDPADAPPREGSDLPRVIEFLVELGE
;
_entity_poly.pdbx_strand_id   A
#
# COMPACT_ATOMS: atom_id res chain seq x y z
N PRO A 20 -6.44 18.57 11.64
CA PRO A 20 -5.90 17.36 10.89
C PRO A 20 -7.05 16.50 10.41
N LYS A 21 -7.23 16.45 9.10
CA LYS A 21 -8.26 15.65 8.51
C LYS A 21 -7.93 14.18 8.71
N VAL A 22 -8.96 13.38 9.02
CA VAL A 22 -8.82 11.97 9.34
C VAL A 22 -9.84 11.08 8.64
N ALA A 23 -9.37 10.00 7.99
CA ALA A 23 -10.32 8.95 7.56
C ALA A 23 -10.00 7.61 8.23
N VAL A 24 -11.02 6.75 8.23
CA VAL A 24 -10.90 5.43 8.79
C VAL A 24 -11.11 4.40 7.71
N ARG A 25 -10.23 3.40 7.65
CA ARG A 25 -10.43 2.20 6.83
C ARG A 25 -10.68 1.05 7.79
N GLU A 26 -11.76 0.30 7.60
CA GLU A 26 -11.99 -0.84 8.48
C GLU A 26 -12.31 -2.12 7.76
N CYS A 27 -11.82 -3.21 8.32
CA CYS A 27 -12.00 -4.57 7.83
C CYS A 27 -13.48 -4.98 7.74
N GLY A 28 -13.82 -5.68 6.67
CA GLY A 28 -15.17 -6.12 6.42
C GLY A 28 -15.66 -7.24 7.29
N LEU A 29 -14.75 -8.02 7.88
CA LEU A 29 -15.10 -9.03 8.86
C LEU A 29 -14.60 -8.62 10.22
N PRO A 30 -15.34 -9.01 11.29
CA PRO A 30 -14.89 -8.66 12.63
C PRO A 30 -13.78 -9.61 13.08
N VAL A 31 -13.15 -9.26 14.18
CA VAL A 31 -12.05 -10.04 14.71
C VAL A 31 -12.51 -11.42 15.15
N SER A 32 -13.76 -11.58 15.62
CA SER A 32 -14.30 -12.93 15.98
C SER A 32 -14.22 -13.92 14.81
N ALA A 33 -14.30 -13.41 13.61
CA ALA A 33 -14.22 -14.23 12.44
C ALA A 33 -12.94 -15.02 12.36
N ILE A 34 -11.80 -14.38 12.65
CA ILE A 34 -10.55 -15.14 12.71
C ILE A 34 -10.33 -15.83 14.06
N GLU A 35 -10.83 -15.28 15.18
CA GLU A 35 -10.69 -15.92 16.54
C GLU A 35 -11.42 -17.27 16.59
N SER A 36 -12.61 -17.31 16.00
CA SER A 36 -13.41 -18.52 15.99
C SER A 36 -12.79 -19.67 15.19
N LEU A 37 -11.88 -19.38 14.27
CA LEU A 37 -11.14 -20.43 13.54
C LEU A 37 -9.95 -21.04 14.29
N CYS A 38 -9.58 -20.48 15.45
CA CYS A 38 -8.49 -21.05 16.25
C CYS A 38 -8.84 -22.36 16.96
N CYS A 39 -8.00 -23.40 16.84
CA CYS A 39 -8.18 -24.63 17.64
C CYS A 39 -7.73 -24.38 19.10
N THR A 40 -8.58 -23.71 19.87
CA THR A 40 -8.21 -23.23 21.20
C THR A 40 -7.71 -24.33 22.17
N ASP A 41 -8.41 -25.46 22.25
CA ASP A 41 -8.03 -26.53 23.19
C ASP A 41 -6.75 -27.17 22.81
N SER A 42 -6.62 -27.57 21.54
CA SER A 42 -5.46 -28.27 21.10
C SER A 42 -4.20 -27.42 21.25
N PHE A 43 -4.34 -26.13 20.98
CA PHE A 43 -3.20 -25.25 20.94
C PHE A 43 -2.66 -25.00 22.30
N ALA A 44 -3.54 -24.72 23.24
CA ALA A 44 -3.21 -24.60 24.66
C ALA A 44 -2.41 -25.84 25.10
N LEU A 45 -2.89 -27.02 24.72
CA LEU A 45 -2.13 -28.27 24.95
C LEU A 45 -0.81 -28.32 24.21
N ILE A 46 -0.75 -27.80 22.99
CA ILE A 46 0.54 -27.74 22.30
C ILE A 46 1.49 -26.83 23.06
N ARG A 47 1.01 -25.68 23.53
CA ARG A 47 1.92 -24.78 24.23
C ARG A 47 2.38 -25.29 25.57
N ARG A 48 1.51 -25.99 26.28
CA ARG A 48 1.88 -26.69 27.51
C ARG A 48 2.96 -27.75 27.23
N GLN A 49 2.79 -28.59 26.22
CA GLN A 49 3.80 -29.57 25.91
C GLN A 49 5.17 -28.94 25.64
N VAL A 50 5.18 -27.93 24.77
CA VAL A 50 6.38 -27.21 24.37
C VAL A 50 7.13 -26.61 25.56
N ARG A 51 6.39 -25.97 26.45
CA ARG A 51 6.93 -25.35 27.65
C ARG A 51 7.37 -26.41 28.65
N GLU A 52 6.65 -27.52 28.72
CA GLU A 52 6.97 -28.61 29.64
C GLU A 52 8.15 -29.41 29.13
N THR A 53 8.23 -29.65 27.83
CA THR A 53 9.44 -30.22 27.24
C THR A 53 10.67 -29.39 27.54
N ALA A 54 10.60 -28.09 27.37
CA ALA A 54 11.79 -27.24 27.54
C ALA A 54 12.16 -27.19 29.00
N TRP A 55 11.16 -27.20 29.88
CA TRP A 55 11.45 -27.20 31.29
C TRP A 55 12.08 -28.53 31.79
N LEU A 56 11.56 -29.66 31.33
CA LEU A 56 12.11 -30.96 31.79
C LEU A 56 13.48 -31.21 31.21
N LYS A 57 13.75 -30.64 30.05
CA LYS A 57 15.04 -30.79 29.44
C LYS A 57 16.07 -30.09 30.32
N GLY A 58 15.77 -28.85 30.68
CA GLY A 58 16.68 -28.06 31.50
C GLY A 58 16.85 -28.62 32.88
N GLU A 59 15.75 -29.02 33.50
CA GLU A 59 15.76 -29.54 34.85
C GLU A 59 16.59 -30.87 34.90
N GLY A 60 16.41 -31.73 33.90
CA GLY A 60 17.16 -32.99 33.79
C GLY A 60 18.67 -32.83 33.72
N LYS A 61 19.12 -31.81 32.99
CA LYS A 61 20.55 -31.50 32.90
C LYS A 61 21.07 -30.94 34.20
N ARG A 62 20.25 -30.14 34.89
CA ARG A 62 20.61 -29.65 36.23
C ARG A 62 20.70 -30.78 37.25
N LEU A 63 19.65 -31.60 37.37
CA LEU A 63 19.72 -32.81 38.26
C LEU A 63 20.88 -33.77 37.93
N ALA A 64 21.26 -33.84 36.65
CA ALA A 64 22.47 -34.54 36.23
C ALA A 64 23.70 -34.01 36.91
N VAL A 65 23.80 -32.69 36.98
CA VAL A 65 24.94 -32.05 37.63
C VAL A 65 24.94 -32.44 39.12
N ASP A 66 23.85 -32.12 39.80
CA ASP A 66 23.65 -32.45 41.22
C ASP A 66 23.97 -33.90 41.56
N LEU A 67 23.54 -34.80 40.71
CA LEU A 67 23.76 -36.21 40.90
C LEU A 67 25.23 -36.54 40.70
N GLY A 68 25.86 -35.91 39.71
CA GLY A 68 27.27 -36.09 39.47
C GLY A 68 28.08 -35.66 40.69
N LEU A 69 27.65 -34.58 41.35
CA LEU A 69 28.28 -34.09 42.58
C LEU A 69 28.13 -35.05 43.78
N LEU A 70 26.95 -35.66 43.90
CA LEU A 70 26.75 -36.69 44.93
C LEU A 70 27.67 -37.87 44.65
N ILE A 71 27.81 -38.29 43.40
CA ILE A 71 28.71 -39.41 43.05
C ILE A 71 30.19 -39.20 43.50
N GLY A 72 30.65 -37.94 43.57
CA GLY A 72 32.02 -37.61 43.97
C GLY A 72 32.21 -37.52 45.48
N GLU A 73 31.17 -37.04 46.20
CA GLU A 73 31.09 -37.10 47.68
C GLU A 73 31.23 -38.50 48.26
N ARG A 74 30.77 -39.51 47.53
CA ARG A 74 30.70 -40.89 48.01
C ARG A 74 32.00 -41.68 47.78
N GLY A 75 33.08 -41.02 47.39
CA GLY A 75 34.31 -41.71 46.98
C GLY A 75 34.17 -42.39 45.63
N PRO A 83 27.88 -46.67 40.11
CA PRO A 83 27.16 -47.30 39.02
C PRO A 83 25.69 -47.29 39.43
N VAL A 84 24.77 -47.53 38.50
CA VAL A 84 23.33 -47.20 38.70
C VAL A 84 23.19 -45.68 38.68
N LEU A 85 23.78 -44.98 39.67
CA LEU A 85 23.83 -43.53 39.66
C LEU A 85 24.36 -42.97 38.33
N VAL A 86 25.40 -43.57 37.76
CA VAL A 86 25.92 -43.17 36.45
C VAL A 86 24.90 -43.31 35.29
N GLY A 87 24.02 -44.31 35.36
CA GLY A 87 22.96 -44.52 34.37
C GLY A 87 21.74 -43.64 34.57
N LEU A 88 21.36 -43.44 35.84
CA LEU A 88 20.33 -42.46 36.20
C LEU A 88 20.73 -41.09 35.73
N ARG A 89 21.98 -40.74 35.94
CA ARG A 89 22.56 -39.46 35.59
C ARG A 89 22.46 -39.23 34.09
N ARG A 90 22.99 -40.18 33.29
CA ARG A 90 22.94 -40.11 31.81
C ARG A 90 21.51 -39.97 31.25
N ALA A 91 20.52 -40.56 31.94
CA ALA A 91 19.14 -40.44 31.56
C ALA A 91 18.62 -39.02 31.79
N LEU A 92 18.87 -38.47 32.98
CA LEU A 92 18.51 -37.09 33.29
C LEU A 92 19.16 -36.10 32.32
N HIS A 93 20.44 -36.34 32.02
CA HIS A 93 21.23 -35.42 31.18
C HIS A 93 20.66 -35.33 29.77
N THR A 94 20.27 -36.48 29.23
CA THR A 94 19.85 -36.60 27.86
C THR A 94 18.29 -36.51 27.71
N GLY A 95 17.58 -36.27 28.81
CA GLY A 95 16.12 -36.23 28.80
C GLY A 95 15.28 -37.45 28.44
N ARG A 96 15.73 -38.66 28.78
CA ARG A 96 14.86 -39.85 28.69
C ARG A 96 14.44 -40.38 30.08
N LEU A 97 13.34 -41.11 30.11
CA LEU A 97 12.84 -41.72 31.32
C LEU A 97 13.84 -42.78 31.81
N PRO A 98 14.20 -42.72 33.11
CA PRO A 98 15.19 -43.71 33.56
C PRO A 98 14.64 -45.13 33.37
N ASP A 99 15.49 -46.06 32.94
CA ASP A 99 15.17 -47.49 32.93
C ASP A 99 14.71 -47.92 34.35
N ALA A 100 13.93 -48.99 34.46
CA ALA A 100 13.47 -49.50 35.76
C ALA A 100 14.59 -49.85 36.74
N ARG A 101 15.77 -50.19 36.21
CA ARG A 101 16.98 -50.44 37.00
C ARG A 101 17.66 -49.13 37.52
N GLU A 102 17.36 -47.99 36.89
CA GLU A 102 18.06 -46.74 37.18
C GLU A 102 17.34 -45.88 38.22
N TRP A 103 16.09 -46.19 38.49
CA TRP A 103 15.31 -45.40 39.45
C TRP A 103 14.42 -46.37 40.28
N THR A 104 14.82 -46.54 41.54
CA THR A 104 14.34 -47.58 42.48
C THR A 104 14.34 -46.96 43.89
N PRO A 105 13.63 -47.55 44.86
CA PRO A 105 13.72 -47.08 46.26
C PRO A 105 15.15 -47.01 46.87
N ARG A 106 16.00 -47.96 46.54
CA ARG A 106 17.39 -47.93 47.05
C ARG A 106 18.14 -46.76 46.47
N VAL A 107 17.84 -46.40 45.22
CA VAL A 107 18.55 -45.29 44.61
C VAL A 107 18.05 -44.00 45.27
N ALA A 108 16.73 -43.85 45.34
CA ALA A 108 16.08 -42.72 46.00
C ALA A 108 16.46 -42.54 47.48
N SER A 109 16.66 -43.66 48.18
CA SER A 109 17.07 -43.65 49.59
C SER A 109 18.52 -43.16 49.78
N ALA A 110 19.40 -43.53 48.85
CA ALA A 110 20.79 -43.04 48.87
C ALA A 110 20.99 -41.57 48.53
N LEU A 111 19.98 -40.89 47.98
CA LEU A 111 20.09 -39.45 47.68
C LEU A 111 19.49 -38.63 48.82
N PRO A 112 19.98 -37.38 49.01
CA PRO A 112 19.32 -36.38 49.87
C PRO A 112 17.83 -36.24 49.57
N ALA A 113 17.03 -35.93 50.57
CA ALA A 113 15.57 -35.82 50.41
C ALA A 113 15.18 -34.90 49.27
N GLU A 114 15.77 -33.71 49.24
CA GLU A 114 15.38 -32.70 48.24
C GLU A 114 15.72 -33.17 46.80
N LEU A 115 16.95 -33.63 46.60
CA LEU A 115 17.32 -34.22 45.31
C LEU A 115 16.44 -35.42 44.88
N ALA A 116 16.05 -36.27 45.82
CA ALA A 116 15.24 -37.44 45.50
C ALA A 116 13.83 -37.01 45.17
N ALA A 117 13.30 -36.03 45.90
CA ALA A 117 11.98 -35.45 45.58
C ALA A 117 11.97 -34.70 44.24
N ARG A 118 13.08 -34.06 43.87
CA ARG A 118 13.16 -33.36 42.60
C ARG A 118 13.27 -34.37 41.48
N VAL A 119 14.03 -35.44 41.68
CA VAL A 119 14.07 -36.55 40.71
C VAL A 119 12.67 -37.13 40.50
N ALA A 120 11.98 -37.42 41.58
CA ALA A 120 10.62 -38.02 41.52
C ALA A 120 9.67 -37.17 40.70
N ASP A 121 9.56 -35.89 41.08
CA ASP A 121 8.80 -34.89 40.28
C ASP A 121 9.16 -34.84 38.80
N TRP A 122 10.45 -34.88 38.49
CA TRP A 122 10.88 -34.93 37.08
C TRP A 122 10.34 -36.20 36.44
N VAL A 123 10.52 -37.34 37.08
CA VAL A 123 10.04 -38.62 36.50
C VAL A 123 8.51 -38.61 36.31
N THR A 124 7.81 -38.07 37.27
CA THR A 124 6.35 -37.98 37.20
C THR A 124 5.89 -37.14 36.01
N ARG A 125 6.40 -35.90 35.94
CA ARG A 125 6.11 -34.96 34.87
C ARG A 125 6.50 -35.53 33.50
N MET A 126 7.63 -36.23 33.42
CA MET A 126 8.07 -36.92 32.18
C MET A 126 7.11 -38.02 31.69
N ARG A 127 6.61 -38.80 32.64
CA ARG A 127 5.60 -39.79 32.34
C ARG A 127 4.29 -39.13 31.83
N ALA A 128 3.78 -38.13 32.54
CA ALA A 128 2.58 -37.36 32.14
C ALA A 128 2.72 -36.65 30.78
N LEU A 129 3.92 -36.16 30.51
CA LEU A 129 4.22 -35.59 29.20
C LEU A 129 4.10 -36.65 28.13
N THR A 130 4.64 -37.84 28.40
CA THR A 130 4.63 -38.93 27.42
C THR A 130 3.19 -39.33 27.02
N ARG A 131 2.28 -39.41 27.98
CA ARG A 131 0.90 -39.84 27.67
C ARG A 131 0.18 -38.73 26.89
N ALA A 132 0.38 -37.47 27.31
CA ALA A 132 -0.28 -36.32 26.66
C ALA A 132 0.25 -36.16 25.23
N ARG A 133 1.51 -36.45 24.98
CA ARG A 133 1.98 -36.56 23.61
C ARG A 133 1.12 -37.55 22.78
N ARG A 134 0.74 -38.70 23.37
CA ARG A 134 -0.07 -39.73 22.68
C ARG A 134 -1.48 -39.25 22.34
N GLU A 135 -2.07 -38.48 23.24
CA GLU A 135 -3.45 -38.06 23.08
C GLU A 135 -3.66 -36.93 22.07
N LEU A 136 -2.60 -36.17 21.73
CA LEU A 136 -2.75 -34.88 21.02
C LEU A 136 -3.26 -34.97 19.59
N PRO A 137 -2.62 -35.84 18.75
CA PRO A 137 -2.95 -35.88 17.34
C PRO A 137 -4.42 -36.08 17.00
N GLU A 138 -5.16 -36.84 17.82
CA GLU A 138 -6.60 -37.03 17.57
C GLU A 138 -7.46 -35.93 18.15
N LEU A 139 -7.07 -35.34 19.28
CA LEU A 139 -7.73 -34.13 19.78
C LEU A 139 -7.55 -33.00 18.75
N PHE A 140 -6.39 -32.88 18.11
CA PHE A 140 -6.12 -31.79 17.14
C PHE A 140 -6.85 -32.08 15.85
N ALA A 141 -6.72 -33.31 15.35
CA ALA A 141 -7.42 -33.70 14.14
C ALA A 141 -8.92 -33.49 14.26
N ALA A 142 -9.52 -33.81 15.40
CA ALA A 142 -10.96 -33.59 15.60
C ALA A 142 -11.34 -32.11 15.68
N GLU A 143 -10.54 -31.32 16.42
CA GLU A 143 -10.84 -29.89 16.57
C GLU A 143 -10.71 -29.17 15.20
N ALA A 144 -9.68 -29.51 14.39
CA ALA A 144 -9.46 -28.87 13.08
C ALA A 144 -10.60 -29.15 12.14
N ARG A 145 -11.10 -30.37 12.19
CA ARG A 145 -12.20 -30.81 11.34
C ARG A 145 -13.46 -30.02 11.66
N VAL A 146 -13.72 -29.79 12.95
CA VAL A 146 -14.85 -28.96 13.38
C VAL A 146 -14.74 -27.55 12.80
N LYS A 147 -13.52 -27.00 12.71
CA LYS A 147 -13.33 -25.64 12.22
C LYS A 147 -13.63 -25.46 10.76
N GLU A 148 -13.69 -26.52 9.97
CA GLU A 148 -14.15 -26.41 8.61
C GLU A 148 -15.54 -25.77 8.48
N LYS A 149 -16.43 -26.15 9.39
CA LYS A 149 -17.77 -25.63 9.32
C LYS A 149 -17.85 -24.25 9.87
N VAL A 150 -16.96 -23.89 10.80
CA VAL A 150 -16.84 -22.52 11.31
C VAL A 150 -16.33 -21.63 10.16
N LEU A 151 -15.43 -22.14 9.34
CA LEU A 151 -14.98 -21.40 8.19
C LEU A 151 -16.13 -21.06 7.26
N ALA A 152 -16.99 -22.05 6.98
CA ALA A 152 -18.18 -21.80 6.17
C ALA A 152 -19.07 -20.75 6.84
N GLN A 153 -19.24 -20.84 8.15
CA GLN A 153 -20.07 -19.92 8.91
C GLN A 153 -19.59 -18.49 8.76
N VAL A 154 -18.30 -18.28 8.97
CA VAL A 154 -17.70 -17.01 8.85
C VAL A 154 -17.82 -16.48 7.41
N ALA A 155 -17.58 -17.32 6.43
CA ALA A 155 -17.59 -16.95 5.01
C ALA A 155 -18.98 -16.75 4.40
N ALA A 156 -20.03 -17.07 5.15
CA ALA A 156 -21.39 -16.82 4.69
C ALA A 156 -21.77 -15.34 4.66
N ASP A 157 -21.06 -14.52 5.40
CA ASP A 157 -21.36 -13.08 5.46
C ASP A 157 -21.56 -12.50 4.05
N PRO A 158 -22.69 -11.81 3.80
CA PRO A 158 -22.95 -11.28 2.45
C PRO A 158 -21.88 -10.31 1.90
N GLY A 159 -21.42 -9.36 2.71
CA GLY A 159 -20.37 -8.39 2.29
C GLY A 159 -19.10 -9.14 1.81
N PHE A 160 -18.74 -10.18 2.53
CA PHE A 160 -17.60 -11.01 2.20
C PHE A 160 -17.79 -11.77 0.90
N ARG A 161 -18.97 -12.35 0.71
CA ARG A 161 -19.28 -13.13 -0.50
C ARG A 161 -19.32 -12.28 -1.73
N ARG A 162 -19.73 -11.05 -1.56
CA ARG A 162 -19.77 -10.10 -2.64
C ARG A 162 -18.34 -9.75 -3.12
N ALA A 163 -17.47 -9.41 -2.18
CA ALA A 163 -16.10 -9.10 -2.44
C ALA A 163 -15.35 -10.31 -3.09
N LEU A 164 -15.52 -11.50 -2.52
CA LEU A 164 -14.96 -12.72 -3.10
C LEU A 164 -15.51 -13.01 -4.51
N SER A 165 -16.80 -12.73 -4.74
CA SER A 165 -17.42 -12.86 -6.08
C SER A 165 -16.73 -12.02 -7.14
N LEU A 166 -16.28 -10.83 -6.79
CA LEU A 166 -15.49 -10.01 -7.71
C LEU A 166 -14.07 -10.50 -7.83
N ALA A 167 -13.40 -10.80 -6.69
CA ALA A 167 -11.99 -11.15 -6.72
C ALA A 167 -11.78 -12.52 -7.28
N SER A 168 -12.67 -13.46 -6.95
CA SER A 168 -12.49 -14.86 -7.28
C SER A 168 -13.80 -15.63 -7.51
N PRO A 169 -14.45 -15.39 -8.65
CA PRO A 169 -15.82 -15.90 -8.91
C PRO A 169 -16.03 -17.40 -8.81
N GLU A 170 -15.09 -18.20 -9.29
CA GLU A 170 -15.27 -19.66 -9.23
C GLU A 170 -15.22 -20.17 -7.79
N LEU A 171 -14.25 -19.68 -7.05
CA LEU A 171 -14.17 -20.00 -5.65
C LEU A 171 -15.39 -19.50 -4.96
N ALA A 172 -15.90 -18.31 -5.32
CA ALA A 172 -17.10 -17.82 -4.62
C ALA A 172 -18.36 -18.65 -4.98
N ALA A 173 -18.39 -19.18 -6.21
CA ALA A 173 -19.50 -20.04 -6.66
C ALA A 173 -19.50 -21.35 -5.87
N ASP A 174 -18.27 -21.82 -5.59
CA ASP A 174 -18.04 -22.99 -4.79
C ASP A 174 -18.46 -22.82 -3.32
N LEU A 175 -18.11 -21.66 -2.75
CA LEU A 175 -18.61 -21.32 -1.43
C LEU A 175 -20.16 -21.34 -1.43
N ASP A 176 -20.77 -20.69 -2.42
CA ASP A 176 -22.25 -20.61 -2.45
C ASP A 176 -22.90 -22.01 -2.53
N ARG A 177 -22.28 -22.92 -3.26
CA ARG A 177 -22.72 -24.29 -3.33
C ARG A 177 -22.63 -25.01 -1.98
N TRP A 178 -21.47 -24.91 -1.34
CA TRP A 178 -21.28 -25.49 -0.02
C TRP A 178 -22.35 -25.05 0.99
N LEU A 179 -22.69 -23.76 0.96
CA LEU A 179 -23.68 -23.22 1.84
C LEU A 179 -25.01 -23.87 1.51
N ALA A 180 -25.26 -24.13 0.23
CA ALA A 180 -26.52 -24.74 -0.21
C ALA A 180 -26.53 -26.21 0.03
N GLU A 181 -25.34 -26.82 0.01
CA GLU A 181 -25.21 -28.26 0.27
C GLU A 181 -24.20 -28.52 1.39
N PRO A 182 -24.56 -28.26 2.65
CA PRO A 182 -23.57 -28.55 3.73
C PRO A 182 -23.40 -30.05 3.85
N ALA A 183 -22.38 -30.50 4.55
CA ALA A 183 -21.88 -31.88 4.36
C ALA A 183 -21.49 -32.16 2.90
N ARG A 184 -21.08 -31.12 2.18
CA ARG A 184 -20.46 -31.24 0.87
C ARG A 184 -19.00 -30.75 1.02
N ARG A 185 -18.31 -31.38 1.97
CA ARG A 185 -16.92 -31.11 2.38
C ARG A 185 -15.94 -30.76 1.20
N PRO A 186 -15.74 -29.46 0.94
CA PRO A 186 -14.82 -29.07 -0.16
C PRO A 186 -13.37 -29.52 0.10
N LYS A 187 -12.60 -29.58 -0.97
CA LYS A 187 -11.22 -30.08 -0.98
C LYS A 187 -10.36 -29.10 -0.23
N THR A 188 -9.34 -29.63 0.44
CA THR A 188 -8.46 -28.86 1.33
C THR A 188 -7.99 -27.55 0.69
N GLN A 189 -7.63 -27.62 -0.57
CA GLN A 189 -6.98 -26.50 -1.21
C GLN A 189 -7.93 -25.33 -1.42
N LYS A 190 -9.22 -25.60 -1.56
CA LYS A 190 -10.28 -24.58 -1.55
C LYS A 190 -10.45 -23.96 -0.16
N LEU A 191 -10.38 -24.80 0.87
CA LEU A 191 -10.51 -24.34 2.24
C LEU A 191 -9.38 -23.38 2.63
N LEU A 192 -8.18 -23.68 2.16
CA LEU A 192 -7.02 -22.85 2.41
C LEU A 192 -7.12 -21.50 1.74
N ARG A 193 -7.53 -21.50 0.48
CA ARG A 193 -7.82 -20.24 -0.25
C ARG A 193 -8.92 -19.44 0.39
N LEU A 194 -10.01 -20.10 0.81
CA LEU A 194 -11.08 -19.41 1.58
C LEU A 194 -10.55 -18.80 2.90
N ALA A 195 -9.79 -19.59 3.66
CA ALA A 195 -9.26 -19.13 4.94
C ALA A 195 -8.35 -17.93 4.77
N LYS A 196 -7.59 -17.88 3.69
CA LYS A 196 -6.72 -16.74 3.42
C LYS A 196 -7.50 -15.46 3.14
N TYR A 197 -8.55 -15.59 2.34
CA TYR A 197 -9.39 -14.46 2.05
C TYR A 197 -10.10 -14.04 3.34
N VAL A 198 -10.53 -15.00 4.16
CA VAL A 198 -11.14 -14.67 5.45
C VAL A 198 -10.16 -13.85 6.30
N ALA A 199 -8.92 -14.29 6.43
CA ALA A 199 -7.95 -13.58 7.25
C ALA A 199 -7.71 -12.16 6.69
N ARG A 200 -7.65 -12.08 5.39
CA ARG A 200 -7.48 -10.83 4.67
C ARG A 200 -8.59 -9.85 4.98
N ALA A 201 -9.82 -10.33 5.04
CA ALA A 201 -10.97 -9.44 5.24
C ALA A 201 -11.12 -9.03 6.71
N ALA A 202 -10.49 -9.78 7.62
CA ALA A 202 -10.46 -9.47 9.06
C ALA A 202 -9.26 -8.68 9.56
N VAL A 203 -8.11 -8.75 8.89
CA VAL A 203 -6.95 -8.05 9.39
C VAL A 203 -6.23 -7.13 8.43
N LYS A 204 -6.59 -7.10 7.15
CA LYS A 204 -5.87 -6.25 6.20
C LYS A 204 -6.76 -5.05 5.80
N THR A 205 -6.20 -3.84 5.83
CA THR A 205 -7.00 -2.62 5.68
C THR A 205 -7.05 -1.96 4.28
N SER A 206 -6.17 -2.33 3.36
CA SER A 206 -6.25 -1.79 1.96
C SER A 206 -7.61 -2.14 1.30
N PRO A 207 -8.21 -1.22 0.50
CA PRO A 207 -9.64 -1.32 0.04
C PRO A 207 -10.25 -2.61 -0.62
N TYR A 208 -9.59 -3.27 -1.56
CA TYR A 208 -10.30 -4.39 -2.31
C TYR A 208 -11.78 -4.11 -2.64
N SER A 209 -12.78 -4.56 -1.87
CA SER A 209 -14.22 -4.31 -2.27
C SER A 209 -15.08 -4.13 -1.03
N THR A 210 -16.11 -4.96 -0.80
CA THR A 210 -16.62 -5.12 0.56
C THR A 210 -15.77 -6.00 1.52
N PHE A 211 -14.48 -6.25 1.21
CA PHE A 211 -13.53 -6.75 2.21
C PHE A 211 -13.22 -5.67 3.25
N THR A 212 -13.24 -4.41 2.84
CA THR A 212 -13.16 -3.26 3.70
C THR A 212 -14.28 -2.22 3.42
N SER A 213 -14.28 -1.17 4.23
CA SER A 213 -15.07 0.01 4.03
C SER A 213 -14.28 1.20 4.57
N MET A 214 -14.54 2.36 4.01
CA MET A 214 -13.89 3.58 4.40
C MET A 214 -14.90 4.68 4.65
N GLY A 215 -14.65 5.50 5.66
CA GLY A 215 -15.33 6.78 5.82
C GLY A 215 -14.48 7.81 6.49
N VAL A 216 -15.11 8.94 6.77
CA VAL A 216 -14.44 10.06 7.44
C VAL A 216 -14.53 9.86 8.94
N ALA A 217 -13.57 10.39 9.66
CA ALA A 217 -13.66 10.52 11.12
C ALA A 217 -13.67 12.01 11.50
N VAL A 218 -14.19 12.31 12.69
CA VAL A 218 -14.19 13.67 13.26
C VAL A 218 -13.56 13.74 14.65
N TRP A 219 -13.15 14.95 15.01
CA TRP A 219 -12.60 15.24 16.32
C TRP A 219 -13.73 15.73 17.21
N GLU A 220 -13.90 15.05 18.31
CA GLU A 220 -14.93 15.38 19.25
C GLU A 220 -14.38 16.07 20.44
N ASN A 221 -14.27 17.37 20.27
CA ASN A 221 -13.91 18.40 21.25
C ASN A 221 -13.46 18.24 22.72
N GLY A 222 -13.13 17.06 23.24
CA GLY A 222 -12.72 17.01 24.63
C GLY A 222 -13.84 16.94 25.64
N GLU A 223 -13.50 16.78 26.91
CA GLU A 223 -14.46 16.57 28.04
C GLU A 223 -15.12 15.17 28.06
N ASP A 224 -15.70 14.69 26.96
CA ASP A 224 -16.48 13.45 26.99
C ASP A 224 -15.68 12.16 26.68
N TRP A 225 -14.60 11.98 27.42
CA TRP A 225 -13.74 10.84 27.31
C TRP A 225 -13.31 10.30 28.67
N ALA A 226 -14.21 10.26 29.64
CA ALA A 226 -13.95 9.77 30.97
C ALA A 226 -13.48 8.36 30.95
N ASP A 227 -13.98 7.61 30.00
CA ASP A 227 -13.61 6.24 29.86
C ASP A 227 -12.19 5.96 29.41
N GLY A 228 -11.49 6.93 28.86
CA GLY A 228 -10.15 6.64 28.48
C GLY A 228 -10.06 6.17 27.05
N ALA A 229 -11.19 6.17 26.37
CA ALA A 229 -11.19 5.78 24.95
C ALA A 229 -10.47 6.82 24.09
N ILE A 230 -9.84 6.37 23.02
CA ILE A 230 -9.17 7.28 22.06
C ILE A 230 -10.06 7.53 20.87
N VAL A 231 -11.06 6.69 20.68
CA VAL A 231 -11.98 6.80 19.54
C VAL A 231 -13.34 6.28 19.98
N ARG A 232 -14.40 6.77 19.39
CA ARG A 232 -15.75 6.30 19.67
C ARG A 232 -16.46 6.12 18.34
N PHE A 233 -17.03 4.95 18.11
CA PHE A 233 -17.69 4.60 16.85
C PHE A 233 -19.18 4.84 16.86
N ALA A 234 -19.67 5.27 15.72
CA ALA A 234 -21.10 5.30 15.48
C ALA A 234 -21.54 3.89 15.21
N PRO A 235 -22.87 3.66 15.22
CA PRO A 235 -23.40 2.36 14.80
C PRO A 235 -22.96 2.08 13.37
N ARG A 236 -22.53 0.86 13.12
CA ARG A 236 -21.99 0.54 11.83
C ARG A 236 -23.06 0.75 10.76
N GLU A 237 -22.78 1.69 9.85
CA GLU A 237 -23.55 1.89 8.61
C GLU A 237 -23.17 0.80 7.58
N PRO A 238 -24.17 0.15 6.97
CA PRO A 238 -23.92 -0.72 5.78
C PRO A 238 -23.20 -0.01 4.62
N PRO A 239 -22.09 -0.59 4.15
CA PRO A 239 -21.35 0.08 3.06
C PRO A 239 -22.18 0.34 1.79
N SER A 240 -21.94 1.45 1.12
CA SER A 240 -22.42 1.64 -0.25
C SER A 240 -21.24 1.39 -1.14
N VAL A 241 -21.50 0.78 -2.29
CA VAL A 241 -20.46 0.36 -3.22
C VAL A 241 -20.49 1.15 -4.50
N ILE A 242 -19.34 1.52 -5.02
CA ILE A 242 -19.21 2.18 -6.31
C ILE A 242 -18.45 1.25 -7.27
N LEU A 243 -19.11 0.89 -8.39
CA LEU A 243 -18.53 0.01 -9.42
C LEU A 243 -17.93 0.89 -10.53
N GLU A 244 -16.66 0.67 -10.87
CA GLU A 244 -15.89 1.47 -11.80
C GLU A 244 -15.16 0.54 -12.83
N PRO A 245 -15.04 0.99 -14.08
CA PRO A 245 -14.32 0.26 -15.11
C PRO A 245 -12.82 0.52 -14.96
N SER A 246 -12.01 -0.45 -15.33
CA SER A 246 -10.54 -0.24 -15.54
C SER A 246 -10.32 1.02 -16.32
N GLY A 247 -9.44 1.88 -15.84
CA GLY A 247 -9.07 3.08 -16.59
C GLY A 247 -8.44 2.78 -17.96
N GLU A 248 -7.62 1.75 -18.06
CA GLU A 248 -6.96 1.52 -19.35
C GLU A 248 -7.94 0.98 -20.39
N TRP A 249 -8.88 0.09 -19.98
CA TRP A 249 -10.00 -0.27 -20.86
C TRP A 249 -10.72 0.98 -21.29
N LEU A 250 -11.11 1.81 -20.32
CA LEU A 250 -11.88 3.00 -20.60
C LEU A 250 -11.19 3.92 -21.63
N HIS A 251 -9.90 4.10 -21.47
CA HIS A 251 -9.16 5.02 -22.34
C HIS A 251 -8.79 4.45 -23.71
N GLY A 252 -8.56 3.14 -23.82
CA GLY A 252 -8.53 2.49 -25.12
C GLY A 252 -9.85 2.55 -25.87
N ALA A 253 -10.96 2.26 -25.16
CA ALA A 253 -12.25 2.30 -25.81
C ALA A 253 -12.57 3.71 -26.28
N LEU A 254 -12.28 4.69 -25.43
CA LEU A 254 -12.48 6.12 -25.74
C LEU A 254 -11.66 6.60 -26.95
N ARG A 255 -10.42 6.16 -27.04
CA ARG A 255 -9.60 6.51 -28.14
C ARG A 255 -10.20 5.88 -29.39
N ALA A 256 -10.64 4.63 -29.32
CA ALA A 256 -11.24 4.03 -30.51
C ALA A 256 -12.37 4.92 -31.06
N TRP A 257 -13.34 5.23 -30.20
CA TRP A 257 -14.51 6.06 -30.59
C TRP A 257 -14.17 7.45 -31.12
N LEU A 258 -13.13 8.08 -30.55
CA LEU A 258 -12.69 9.41 -30.99
C LEU A 258 -12.03 9.43 -32.37
N ALA A 259 -11.47 8.29 -32.81
CA ALA A 259 -10.91 8.12 -34.17
C ALA A 259 -11.93 7.84 -35.29
N ARG A 260 -13.18 7.55 -34.93
CA ARG A 260 -14.24 7.36 -35.92
C ARG A 260 -14.69 8.73 -36.49
N PRO A 261 -14.57 8.91 -37.83
CA PRO A 261 -15.00 10.18 -38.45
C PRO A 261 -16.38 10.70 -38.07
N GLU A 262 -17.38 9.83 -37.90
CA GLU A 262 -18.72 10.30 -37.48
C GLU A 262 -18.82 10.92 -36.06
N ASN A 263 -17.86 10.64 -35.19
CA ASN A 263 -17.86 11.24 -33.84
C ASN A 263 -17.13 12.55 -33.68
N LEU A 264 -16.54 13.04 -34.78
CA LEU A 264 -15.90 14.34 -34.81
C LEU A 264 -16.94 15.42 -34.45
N VAL A 265 -18.14 15.35 -35.04
CA VAL A 265 -19.26 16.24 -34.64
C VAL A 265 -19.70 16.08 -33.17
N ARG A 266 -19.47 14.90 -32.61
CA ARG A 266 -19.71 14.66 -31.18
C ARG A 266 -18.53 15.09 -30.27
N SER A 267 -17.48 15.68 -30.83
CA SER A 267 -16.29 16.01 -30.09
C SER A 267 -15.99 17.50 -30.07
N ARG A 268 -15.06 17.87 -29.19
CA ARG A 268 -14.42 19.18 -29.22
C ARG A 268 -12.96 18.91 -29.37
N LEU A 269 -12.23 19.94 -29.80
CA LEU A 269 -10.82 19.85 -30.06
C LEU A 269 -10.09 20.88 -29.24
N ARG A 270 -8.80 20.62 -29.07
CA ARG A 270 -7.92 21.59 -28.44
C ARG A 270 -6.51 21.33 -28.85
N LEU A 271 -5.72 22.38 -28.84
CA LEU A 271 -4.29 22.24 -29.08
C LEU A 271 -3.69 21.41 -27.92
N ASN A 272 -2.95 20.36 -28.28
CA ASN A 272 -2.05 19.66 -27.35
C ASN A 272 -1.19 20.68 -26.59
N PRO A 273 -1.37 20.79 -25.27
CA PRO A 273 -0.67 21.81 -24.52
C PRO A 273 0.80 21.53 -24.30
N SER A 274 1.34 20.47 -24.89
CA SER A 274 2.81 20.36 -25.04
C SER A 274 3.34 20.86 -26.38
N LEU A 275 2.50 21.48 -27.20
CA LEU A 275 2.96 21.95 -28.50
C LEU A 275 3.89 23.15 -28.37
N VAL A 276 5.06 23.01 -28.95
CA VAL A 276 6.01 24.13 -29.00
C VAL A 276 6.41 24.41 -30.45
N ILE A 277 6.24 25.66 -30.85
CA ILE A 277 6.71 26.09 -32.14
C ILE A 277 8.14 26.66 -32.00
N ARG A 278 9.04 26.08 -32.79
CA ARG A 278 10.47 26.28 -32.71
C ARG A 278 10.97 27.15 -33.88
N ALA A 279 10.09 28.01 -34.42
CA ALA A 279 10.33 28.79 -35.66
C ALA A 279 10.55 27.97 -36.97
N ASP A 280 10.10 26.72 -36.98
CA ASP A 280 10.33 25.79 -38.10
C ASP A 280 9.53 24.48 -37.95
N LYS A 281 9.65 23.86 -36.79
CA LYS A 281 9.03 22.57 -36.51
C LYS A 281 7.98 22.67 -35.40
N ALA A 282 7.14 21.64 -35.33
CA ALA A 282 6.28 21.39 -34.16
C ALA A 282 6.99 20.38 -33.26
N GLU A 283 7.25 20.74 -31.99
CA GLU A 283 7.63 19.74 -30.93
C GLU A 283 6.45 19.49 -29.98
N PHE A 284 6.16 18.22 -29.71
CA PHE A 284 5.08 17.87 -28.75
C PHE A 284 5.17 16.42 -28.32
N LEU A 285 4.36 16.09 -27.29
CA LEU A 285 4.26 14.74 -26.73
C LEU A 285 3.00 14.06 -27.29
N GLY A 286 3.12 12.78 -27.62
CA GLY A 286 2.02 12.00 -28.22
C GLY A 286 1.26 11.15 -27.23
N PHE A 287 0.53 10.20 -27.76
CA PHE A 287 -0.48 9.45 -26.98
C PHE A 287 0.09 8.64 -25.83
N PRO A 288 -0.65 8.49 -24.75
CA PRO A 288 -0.18 7.58 -23.73
C PRO A 288 -0.64 6.17 -24.14
N PRO A 289 -0.03 5.12 -23.60
CA PRO A 289 0.97 5.18 -22.52
C PRO A 289 2.44 5.42 -22.93
N ARG A 290 2.83 5.17 -24.18
CA ARG A 290 4.24 5.31 -24.56
C ARG A 290 4.70 6.78 -24.63
N GLU A 291 3.78 7.66 -24.95
CA GLU A 291 4.05 9.08 -25.01
C GLU A 291 5.33 9.49 -25.77
N PRO A 292 5.47 9.12 -27.06
CA PRO A 292 6.69 9.52 -27.76
C PRO A 292 6.90 11.04 -27.81
N ILE A 293 8.18 11.44 -27.89
CA ILE A 293 8.59 12.82 -27.97
C ILE A 293 8.70 13.09 -29.45
N ILE A 294 7.90 14.04 -29.96
CA ILE A 294 7.68 14.17 -31.43
C ILE A 294 8.13 15.55 -31.97
N ARG A 295 8.82 15.51 -33.10
CA ARG A 295 9.23 16.72 -33.81
C ARG A 295 8.84 16.55 -35.27
N MET A 296 8.00 17.42 -35.80
CA MET A 296 7.59 17.28 -37.19
C MET A 296 7.75 18.60 -37.94
N GLY A 297 7.95 18.49 -39.26
CA GLY A 297 8.12 19.64 -40.14
C GLY A 297 6.78 20.28 -40.40
N LEU A 298 6.72 21.59 -40.31
CA LEU A 298 5.55 22.35 -40.76
C LEU A 298 5.65 22.81 -42.23
N THR A 299 4.56 22.61 -42.97
CA THR A 299 4.30 23.38 -44.18
C THR A 299 3.62 24.70 -43.73
N PRO A 300 3.67 25.74 -44.57
CA PRO A 300 2.95 26.97 -44.20
C PRO A 300 1.42 26.83 -44.01
N VAL A 301 0.79 25.85 -44.68
CA VAL A 301 -0.63 25.60 -44.42
C VAL A 301 -0.82 25.06 -42.96
N VAL A 302 -0.09 24.02 -42.59
CA VAL A 302 -0.21 23.53 -41.22
C VAL A 302 0.10 24.65 -40.22
N ALA A 303 1.18 25.39 -40.46
CA ALA A 303 1.49 26.52 -39.61
C ALA A 303 0.34 27.52 -39.42
N THR A 304 -0.45 27.83 -40.45
CA THR A 304 -1.54 28.80 -40.24
C THR A 304 -2.72 28.07 -39.51
N VAL A 305 -2.91 26.79 -39.83
CA VAL A 305 -3.92 25.99 -39.16
C VAL A 305 -3.73 26.03 -37.65
N LEU A 306 -2.50 25.77 -37.20
CA LEU A 306 -2.22 25.80 -35.76
C LEU A 306 -2.47 27.20 -35.22
N ARG A 307 -2.00 28.21 -35.94
CA ARG A 307 -2.22 29.64 -35.60
C ARG A 307 -3.69 30.06 -35.42
N LEU A 308 -4.58 29.62 -36.34
CA LEU A 308 -6.01 30.01 -36.30
C LEU A 308 -6.79 29.22 -35.26
N ALA A 309 -6.20 28.13 -34.78
CA ALA A 309 -6.74 27.44 -33.59
C ALA A 309 -6.83 28.36 -32.36
N GLU A 310 -5.97 29.37 -32.29
CA GLU A 310 -6.05 30.31 -31.18
C GLU A 310 -7.33 31.19 -31.24
N PRO A 311 -7.62 31.82 -32.40
CA PRO A 311 -8.91 32.50 -32.53
C PRO A 311 -10.13 31.58 -32.74
N ALA A 312 -9.91 30.31 -33.07
CA ALA A 312 -11.03 29.36 -33.22
C ALA A 312 -11.61 28.83 -31.90
N ALA A 313 -10.99 29.15 -30.77
CA ALA A 313 -11.30 28.54 -29.49
C ALA A 313 -12.31 29.31 -28.65
N ASP A 314 -13.15 28.57 -27.91
CA ASP A 314 -14.01 29.09 -26.83
C ASP A 314 -13.22 29.94 -25.83
N ALA A 315 -13.98 30.65 -24.98
CA ALA A 315 -13.45 31.34 -23.79
C ALA A 315 -12.65 30.44 -22.82
N ASP A 316 -12.80 29.13 -22.97
CA ASP A 316 -12.05 28.15 -22.18
C ASP A 316 -11.26 27.17 -23.06
N GLY A 317 -10.82 27.61 -24.24
CA GLY A 317 -9.85 26.88 -25.05
C GLY A 317 -10.33 25.73 -25.92
N TRP A 318 -11.61 25.37 -25.84
CA TRP A 318 -12.17 24.31 -26.69
C TRP A 318 -12.50 24.84 -28.08
N ILE A 319 -12.44 23.96 -29.07
CA ILE A 319 -12.64 24.33 -30.47
C ILE A 319 -13.74 23.49 -31.12
N ASP A 320 -14.86 24.16 -31.39
CA ASP A 320 -15.92 23.67 -32.29
C ASP A 320 -15.33 23.10 -33.58
N PRO A 321 -15.50 21.81 -33.85
CA PRO A 321 -14.94 21.26 -35.09
C PRO A 321 -15.57 21.74 -36.41
N MET A 322 -16.89 21.94 -36.47
CA MET A 322 -17.55 22.45 -37.71
C MET A 322 -17.15 23.93 -38.03
N GLY A 323 -17.33 24.83 -37.05
CA GLY A 323 -16.94 26.24 -37.12
C GLY A 323 -15.46 26.48 -37.43
N PHE A 324 -14.62 25.50 -37.10
CA PHE A 324 -13.22 25.55 -37.39
C PHE A 324 -12.99 25.06 -38.81
N ARG A 325 -13.77 24.09 -39.26
CA ARG A 325 -13.57 23.58 -40.60
C ARG A 325 -14.02 24.55 -41.69
N ASP A 326 -14.92 25.45 -41.35
CA ASP A 326 -15.40 26.44 -42.30
C ASP A 326 -14.41 27.58 -42.26
N ARG A 327 -13.99 27.96 -41.06
CA ARG A 327 -13.00 29.03 -40.85
C ARG A 327 -11.68 28.76 -41.58
N LEU A 328 -11.19 27.53 -41.51
CA LEU A 328 -10.00 27.14 -42.28
C LEU A 328 -10.28 27.19 -43.78
N ALA A 329 -11.45 26.71 -44.18
CA ALA A 329 -11.82 26.72 -45.58
C ALA A 329 -11.87 28.14 -46.18
N ARG A 330 -12.48 29.11 -45.50
CA ARG A 330 -12.43 30.47 -46.03
C ARG A 330 -11.02 31.12 -45.94
N ASP A 331 -10.30 30.96 -44.81
CA ASP A 331 -9.01 31.66 -44.60
C ASP A 331 -7.75 30.96 -45.15
N LEU A 332 -7.85 29.70 -45.54
CA LEU A 332 -6.96 29.17 -46.56
C LEU A 332 -7.78 29.31 -47.85
N PRO A 333 -7.35 28.68 -48.94
CA PRO A 333 -8.37 28.37 -49.93
C PRO A 333 -9.48 27.43 -49.34
N ALA A 334 -10.56 27.23 -50.07
CA ALA A 334 -11.57 26.36 -49.53
C ALA A 334 -11.01 24.97 -49.62
N GLU A 335 -11.79 24.16 -50.29
CA GLU A 335 -11.53 22.77 -50.46
C GLU A 335 -11.89 22.07 -49.17
N PRO A 336 -13.20 21.89 -48.91
CA PRO A 336 -13.64 21.29 -47.64
C PRO A 336 -13.21 19.83 -47.49
N GLU A 337 -13.25 19.06 -48.60
CA GLU A 337 -12.83 17.67 -48.61
C GLU A 337 -11.48 17.54 -47.94
N GLN A 338 -10.59 18.50 -48.19
CA GLN A 338 -9.22 18.40 -47.65
C GLN A 338 -8.90 19.26 -46.42
N VAL A 339 -9.69 20.32 -46.15
CA VAL A 339 -9.66 20.94 -44.82
C VAL A 339 -9.90 19.85 -43.78
N ASP A 340 -10.69 18.85 -44.15
CA ASP A 340 -10.99 17.70 -43.30
C ASP A 340 -9.90 16.67 -43.20
N ARG A 341 -9.26 16.30 -44.31
CA ARG A 341 -8.14 15.37 -44.23
C ARG A 341 -6.89 16.00 -43.59
N LEU A 342 -6.83 17.33 -43.59
CA LEU A 342 -5.79 18.09 -42.90
C LEU A 342 -6.00 18.03 -41.39
N LEU A 343 -7.19 18.40 -40.93
CA LEU A 343 -7.59 18.21 -39.54
C LEU A 343 -7.40 16.79 -39.07
N ARG A 344 -7.86 15.86 -39.88
CA ARG A 344 -7.75 14.47 -39.56
C ARG A 344 -6.31 14.12 -39.33
N SER A 345 -5.40 14.58 -40.20
CA SER A 345 -4.00 14.16 -40.09
C SER A 345 -3.33 14.79 -38.83
N LEU A 346 -3.76 15.99 -38.45
CA LEU A 346 -3.31 16.63 -37.24
C LEU A 346 -3.78 15.92 -35.97
N ILE A 347 -5.00 15.38 -36.00
CA ILE A 347 -5.52 14.58 -34.91
C ILE A 347 -4.78 13.23 -34.82
N GLU A 348 -4.65 12.53 -35.93
CA GLU A 348 -3.89 11.26 -35.98
C GLU A 348 -2.46 11.42 -35.43
N ALA A 349 -1.85 12.58 -35.72
CA ALA A 349 -0.50 12.89 -35.30
C ALA A 349 -0.41 13.26 -33.84
N GLY A 350 -1.51 13.72 -33.28
CA GLY A 350 -1.58 14.16 -31.90
C GLY A 350 -1.32 15.62 -31.61
N VAL A 351 -1.23 16.47 -32.64
CA VAL A 351 -1.10 17.94 -32.43
C VAL A 351 -2.42 18.59 -32.02
N LEU A 352 -3.51 18.12 -32.60
CA LEU A 352 -4.84 18.57 -32.19
C LEU A 352 -5.52 17.38 -31.49
N GLU A 353 -6.09 17.64 -30.33
CA GLU A 353 -6.68 16.56 -29.54
C GLU A 353 -8.17 16.58 -29.67
N ALA A 354 -8.77 15.40 -29.84
CA ALA A 354 -10.20 15.18 -29.90
C ALA A 354 -10.66 14.65 -28.56
N HIS A 355 -11.67 15.29 -27.98
CA HIS A 355 -12.28 14.84 -26.71
C HIS A 355 -13.82 14.87 -26.86
N PRO A 356 -14.55 13.97 -26.13
CA PRO A 356 -16.02 13.96 -26.21
C PRO A 356 -16.71 15.19 -25.61
N LEU A 357 -18.01 15.32 -25.86
CA LEU A 357 -18.69 16.62 -25.66
C LEU A 357 -19.23 16.87 -24.26
N THR A 358 -19.35 15.81 -23.44
CA THR A 358 -19.86 15.92 -22.06
C THR A 358 -19.00 15.08 -21.11
N LEU A 362 -17.61 11.53 -21.79
CA LEU A 362 -18.32 10.36 -22.28
C LEU A 362 -19.55 10.74 -23.12
N PRO A 363 -19.79 10.00 -24.22
CA PRO A 363 -20.69 9.91 -25.37
C PRO A 363 -22.13 9.61 -24.93
N GLU A 364 -23.18 10.08 -25.54
CA GLU A 364 -24.47 9.76 -25.03
C GLU A 364 -25.10 8.78 -26.00
N THR A 365 -24.20 8.23 -26.78
CA THR A 365 -24.37 7.23 -27.80
C THR A 365 -24.96 5.99 -27.20
N GLY A 366 -25.45 5.10 -28.06
CA GLY A 366 -26.14 3.89 -27.57
C GLY A 366 -25.29 3.00 -26.67
N GLU A 367 -24.14 2.57 -27.19
CA GLU A 367 -23.26 1.62 -26.49
C GLU A 367 -22.71 2.18 -25.16
N TRP A 368 -22.51 3.50 -25.09
CA TRP A 368 -21.97 4.19 -23.92
C TRP A 368 -23.03 4.46 -22.83
N ALA A 369 -24.29 4.68 -23.23
CA ALA A 369 -25.36 4.85 -22.25
C ALA A 369 -25.70 3.53 -21.50
N GLU A 370 -25.57 2.38 -22.17
CA GLU A 370 -25.78 1.05 -21.50
C GLU A 370 -24.66 0.77 -20.49
N ILE A 371 -23.41 0.85 -20.95
CA ILE A 371 -22.28 0.71 -20.04
C ILE A 371 -22.50 1.64 -18.86
N ARG A 372 -22.74 2.92 -19.15
CA ARG A 372 -22.95 3.92 -18.08
C ARG A 372 -24.12 3.61 -17.14
N ALA A 373 -25.22 3.08 -17.68
CA ALA A 373 -26.34 2.60 -16.87
C ALA A 373 -26.01 1.34 -16.09
N ALA A 374 -25.38 0.36 -16.74
CA ALA A 374 -24.94 -0.87 -16.05
C ALA A 374 -23.95 -0.61 -14.90
N LEU A 375 -23.04 0.36 -15.09
CA LEU A 375 -22.02 0.67 -14.05
C LEU A 375 -22.72 1.27 -12.82
N ARG A 376 -23.61 2.21 -13.12
CA ARG A 376 -24.42 2.88 -12.13
C ARG A 376 -25.53 1.99 -11.51
N HIS A 377 -25.87 0.83 -12.11
CA HIS A 377 -26.98 -0.02 -11.64
C HIS A 377 -26.88 -0.22 -10.12
N ASP A 378 -27.88 0.28 -9.38
CA ASP A 378 -27.92 0.11 -7.92
C ASP A 378 -28.13 -1.37 -7.61
N PRO A 379 -27.18 -1.99 -6.89
CA PRO A 379 -27.23 -3.42 -6.68
C PRO A 379 -28.07 -3.85 -5.45
N HIS A 380 -29.03 -3.02 -4.99
CA HIS A 380 -29.83 -3.34 -3.80
C HIS A 380 -30.60 -4.67 -4.00
N GLY A 381 -30.63 -5.50 -2.95
CA GLY A 381 -31.39 -6.76 -2.94
C GLY A 381 -30.74 -7.89 -3.70
N GLU A 382 -29.47 -7.73 -4.04
CA GLU A 382 -28.80 -8.66 -4.96
C GLU A 382 -27.90 -9.61 -4.22
N ASP A 383 -28.19 -10.90 -4.31
CA ASP A 383 -27.34 -11.94 -3.71
C ASP A 383 -26.02 -12.14 -4.49
N PRO A 384 -25.06 -12.93 -3.95
CA PRO A 384 -23.79 -13.07 -4.69
C PRO A 384 -23.85 -13.68 -6.10
N GLU A 385 -24.75 -14.65 -6.32
CA GLU A 385 -24.83 -15.31 -7.63
C GLU A 385 -25.33 -14.38 -8.74
N ALA A 386 -26.42 -13.66 -8.44
CA ALA A 386 -26.98 -12.59 -9.37
C ALA A 386 -25.92 -11.54 -9.67
N TYR A 387 -25.14 -11.15 -8.63
CA TYR A 387 -23.96 -10.26 -8.81
C TYR A 387 -22.92 -10.85 -9.78
N ARG A 388 -22.58 -12.13 -9.66
CA ARG A 388 -21.61 -12.70 -10.55
C ARG A 388 -22.14 -12.69 -12.02
N VAL A 389 -23.40 -13.06 -12.20
CA VAL A 389 -23.99 -13.11 -13.50
C VAL A 389 -24.00 -11.72 -14.10
N ARG A 390 -24.43 -10.75 -13.32
CA ARG A 390 -24.49 -9.36 -13.73
C ARG A 390 -23.14 -8.83 -14.17
N LEU A 391 -22.11 -9.09 -13.40
CA LEU A 391 -20.77 -8.68 -13.71
C LEU A 391 -20.26 -9.36 -14.97
N ALA A 392 -20.56 -10.63 -15.11
CA ALA A 392 -20.20 -11.43 -16.30
C ALA A 392 -20.73 -10.79 -17.60
N ARG A 393 -21.98 -10.33 -17.54
CA ARG A 393 -22.62 -9.73 -18.68
C ARG A 393 -22.02 -8.38 -18.99
N LEU A 394 -21.78 -7.58 -17.95
CA LEU A 394 -21.11 -6.28 -18.08
C LEU A 394 -19.74 -6.44 -18.68
N LYS A 395 -18.98 -7.43 -18.22
CA LYS A 395 -17.68 -7.71 -18.80
C LYS A 395 -17.81 -7.97 -20.30
N ARG A 396 -18.80 -8.77 -20.72
CA ARG A 396 -18.97 -9.14 -22.15
C ARG A 396 -19.23 -7.91 -23.02
N ALA A 397 -20.18 -7.05 -22.61
CA ALA A 397 -20.45 -5.82 -23.33
C ALA A 397 -19.22 -4.93 -23.40
N MET A 398 -18.37 -5.00 -22.38
CA MET A 398 -17.13 -4.24 -22.37
C MET A 398 -16.17 -4.80 -23.44
N THR A 399 -15.93 -6.11 -23.46
CA THR A 399 -15.04 -6.68 -24.47
C THR A 399 -15.61 -6.46 -25.89
N MET A 400 -16.92 -6.63 -26.08
CA MET A 400 -17.60 -6.42 -27.37
C MET A 400 -17.80 -4.91 -27.55
N MET A 401 -16.69 -4.19 -27.41
CA MET A 401 -16.66 -2.71 -27.42
C MET A 401 -15.21 -2.24 -27.43
N TRP A 402 -14.35 -2.86 -26.61
CA TRP A 402 -12.90 -2.74 -26.72
C TRP A 402 -12.24 -3.95 -26.00
N PRO A 403 -11.21 -4.58 -26.61
CA PRO A 403 -10.68 -5.84 -26.04
C PRO A 403 -10.05 -5.65 -24.69
N GLN A 404 -10.14 -6.69 -23.87
CA GLN A 404 -9.55 -6.67 -22.53
C GLN A 404 -8.04 -6.65 -22.66
N GLY A 405 -7.52 -7.51 -23.54
CA GLY A 405 -6.10 -7.58 -23.82
C GLY A 405 -5.33 -7.94 -22.57
N ASP A 406 -4.18 -7.31 -22.36
CA ASP A 406 -3.41 -7.56 -21.11
C ASP A 406 -3.98 -6.90 -19.83
N THR A 407 -5.07 -6.13 -19.97
CA THR A 407 -5.80 -5.62 -18.80
C THR A 407 -6.24 -6.79 -17.90
N THR A 408 -5.78 -6.76 -16.67
CA THR A 408 -6.21 -7.74 -15.70
C THR A 408 -7.13 -6.91 -14.81
N ALA A 409 -8.31 -7.44 -14.55
CA ALA A 409 -9.38 -6.68 -13.85
C ALA A 409 -10.05 -5.59 -14.72
N LEU A 410 -11.16 -5.93 -15.37
CA LEU A 410 -11.99 -4.92 -16.07
C LEU A 410 -12.86 -4.06 -15.16
N LEU A 411 -13.06 -4.48 -13.92
CA LEU A 411 -13.94 -3.79 -12.99
C LEU A 411 -13.35 -3.83 -11.59
N HIS A 412 -13.54 -2.74 -10.86
CA HIS A 412 -13.25 -2.67 -9.44
C HIS A 412 -14.42 -2.02 -8.69
N GLU A 413 -14.46 -2.30 -7.40
CA GLU A 413 -15.49 -1.76 -6.51
C GLU A 413 -14.83 -1.15 -5.33
N THR A 414 -15.39 -0.06 -4.85
CA THR A 414 -14.92 0.56 -3.61
C THR A 414 -16.10 0.72 -2.67
N ALA A 415 -15.84 0.48 -1.39
CA ALA A 415 -16.93 0.49 -0.43
C ALA A 415 -16.71 1.66 0.49
N VAL A 416 -17.71 2.50 0.64
CA VAL A 416 -17.61 3.68 1.52
C VAL A 416 -18.87 3.84 2.38
N VAL A 417 -18.80 4.70 3.39
CA VAL A 417 -19.97 5.04 4.21
C VAL A 417 -20.12 6.55 4.19
N THR A 418 -21.35 6.99 4.37
CA THR A 418 -21.66 8.38 4.12
C THR A 418 -21.52 9.24 5.33
N ARG A 419 -21.69 8.65 6.50
CA ARG A 419 -21.67 9.40 7.74
C ARG A 419 -20.33 9.09 8.40
N PRO A 420 -19.83 10.00 9.27
CA PRO A 420 -18.64 9.77 10.05
C PRO A 420 -18.66 8.44 10.76
N VAL A 421 -17.55 7.73 10.71
CA VAL A 421 -17.53 6.40 11.28
C VAL A 421 -17.23 6.47 12.77
N ALA A 422 -16.60 7.54 13.19
CA ALA A 422 -16.09 7.62 14.55
C ALA A 422 -15.68 9.02 14.88
N SER A 423 -15.61 9.28 16.19
CA SER A 423 -15.04 10.50 16.79
C SER A 423 -13.75 10.13 17.45
N LEU A 424 -12.84 11.08 17.44
CA LEU A 424 -11.52 10.91 17.98
C LEU A 424 -11.32 11.85 19.16
N ASN A 425 -10.56 11.38 20.15
CA ASN A 425 -10.31 12.13 21.38
C ASN A 425 -9.06 12.95 21.16
N PRO A 426 -9.21 14.29 21.03
CA PRO A 426 -8.04 15.09 20.71
C PRO A 426 -6.99 15.15 21.81
N THR A 427 -7.33 14.96 23.07
CA THR A 427 -6.25 15.00 24.04
C THR A 427 -5.51 13.63 24.12
N ALA A 428 -6.19 12.51 23.93
CA ALA A 428 -5.50 11.22 23.88
C ALA A 428 -4.55 11.14 22.70
N TRP A 429 -4.90 11.81 21.60
CA TRP A 429 -4.16 11.75 20.36
C TRP A 429 -3.02 12.79 20.23
N GLY A 430 -3.01 13.84 21.07
CA GLY A 430 -2.05 14.96 20.92
C GLY A 430 -0.56 14.59 20.91
N ARG A 431 -0.13 13.81 21.88
CA ARG A 431 1.28 13.47 21.98
C ARG A 431 1.71 12.58 20.79
N GLY A 432 0.82 11.66 20.42
CA GLY A 432 1.06 10.75 19.33
C GLY A 432 1.23 11.46 18.02
N LEU A 433 0.37 12.46 17.76
CA LEU A 433 0.44 13.26 16.53
C LEU A 433 1.62 14.21 16.49
N SER A 434 1.97 14.79 17.62
CA SER A 434 3.20 15.57 17.74
C SER A 434 4.43 14.69 17.45
N ASP A 435 4.48 13.50 18.03
CA ASP A 435 5.57 12.60 17.75
C ASP A 435 5.61 12.19 16.25
N LEU A 436 4.45 11.99 15.66
CA LEU A 436 4.32 11.57 14.26
C LEU A 436 4.85 12.62 13.27
N ASP A 437 4.44 13.86 13.48
CA ASP A 437 5.00 15.02 12.75
C ASP A 437 6.54 15.08 12.75
N VAL A 438 7.14 14.75 13.89
CA VAL A 438 8.59 14.74 13.98
C VAL A 438 9.10 13.60 13.09
N VAL A 439 8.51 12.43 13.25
CA VAL A 439 8.88 11.26 12.46
C VAL A 439 8.72 11.55 10.96
N ARG A 440 7.61 12.17 10.61
CA ARG A 440 7.23 12.49 9.24
C ARG A 440 8.31 13.39 8.56
N ARG A 441 8.82 14.35 9.31
CA ARG A 441 9.86 15.21 8.82
C ARG A 441 11.18 14.47 8.70
N TRP A 442 11.49 13.65 9.71
CA TRP A 442 12.79 13.03 9.79
C TRP A 442 12.96 11.94 8.71
N LEU A 443 11.89 11.19 8.42
CA LEU A 443 11.95 10.20 7.34
C LEU A 443 12.30 10.73 5.94
N SER A 444 12.15 12.04 5.75
CA SER A 444 12.52 12.75 4.51
C SER A 444 13.93 12.43 4.06
N VAL A 445 14.89 12.27 4.97
CA VAL A 445 16.25 11.94 4.56
C VAL A 445 16.38 10.60 3.79
N PHE A 446 15.44 9.67 4.05
CA PHE A 446 15.44 8.37 3.37
C PHE A 446 14.65 8.34 2.09
N ASP A 447 14.11 9.46 1.63
CA ASP A 447 13.29 9.50 0.40
C ASP A 447 14.05 8.93 -0.81
N GLY A 448 13.49 7.93 -1.49
CA GLY A 448 14.06 7.41 -2.74
C GLY A 448 14.18 8.43 -3.91
N LYS A 449 13.45 9.54 -3.84
CA LYS A 449 13.51 10.62 -4.85
C LYS A 449 14.58 11.65 -4.62
N LEU A 450 15.13 11.72 -3.42
CA LEU A 450 16.22 12.63 -3.16
C LEU A 450 17.46 12.37 -4.06
N PRO A 451 17.94 11.11 -4.17
CA PRO A 451 19.00 10.92 -5.17
C PRO A 451 18.64 11.45 -6.55
N ILE A 452 17.38 11.22 -6.95
CA ILE A 452 16.88 11.68 -8.25
C ILE A 452 16.99 13.20 -8.40
N ARG A 453 16.50 13.93 -7.40
CA ARG A 453 16.54 15.36 -7.39
C ARG A 453 17.96 15.85 -7.54
N ILE A 454 18.89 15.27 -6.76
CA ILE A 454 20.28 15.68 -6.77
C ILE A 454 20.93 15.47 -8.14
N VAL A 455 20.70 14.31 -8.75
CA VAL A 455 21.27 14.00 -10.04
C VAL A 455 20.69 14.88 -11.15
N VAL A 456 19.36 15.06 -11.16
CA VAL A 456 18.68 15.96 -12.11
C VAL A 456 19.22 17.39 -11.95
N ALA A 457 19.41 17.85 -10.73
CA ALA A 457 19.93 19.18 -10.49
C ALA A 457 21.36 19.29 -11.04
N GLU A 458 22.18 18.27 -10.76
CA GLU A 458 23.55 18.25 -11.26
C GLU A 458 23.60 18.25 -12.80
N TYR A 459 22.78 17.41 -13.42
CA TYR A 459 22.62 17.46 -14.88
C TYR A 459 22.36 18.89 -15.42
N LEU A 460 21.43 19.61 -14.79
CA LEU A 460 21.10 20.97 -15.18
C LEU A 460 22.30 21.89 -15.11
N ARG A 461 23.01 21.86 -13.99
CA ARG A 461 24.22 22.66 -13.83
C ARG A 461 25.24 22.33 -14.91
N ALA A 462 25.53 21.05 -15.08
CA ALA A 462 26.60 20.64 -15.97
C ALA A 462 26.27 20.93 -17.45
N ARG A 463 25.08 20.62 -17.92
CA ARG A 463 24.77 20.89 -19.35
C ARG A 463 24.48 22.35 -19.71
N TYR A 464 23.78 23.08 -18.84
CA TYR A 464 23.21 24.36 -19.24
C TYR A 464 23.78 25.55 -18.48
N GLY A 465 24.23 25.31 -17.25
CA GLY A 465 24.96 26.31 -16.48
C GLY A 465 24.10 26.73 -15.31
N GLU A 466 24.73 27.33 -14.30
CA GLU A 466 24.11 27.55 -13.01
C GLU A 466 22.89 28.41 -13.07
N HIS A 467 22.91 29.35 -13.99
CA HIS A 467 21.80 30.26 -14.18
C HIS A 467 20.91 29.90 -15.35
N ALA A 468 21.00 28.68 -15.87
CA ALA A 468 20.14 28.26 -16.99
C ALA A 468 18.66 28.17 -16.63
N ARG A 469 17.86 28.40 -17.66
CA ARG A 469 16.42 28.38 -17.60
C ARG A 469 16.01 27.62 -18.81
N VAL A 470 15.71 26.35 -18.64
CA VAL A 470 15.49 25.45 -19.75
C VAL A 470 13.99 25.09 -19.89
N PRO A 471 13.40 25.25 -21.09
CA PRO A 471 12.01 24.79 -21.31
C PRO A 471 11.84 23.36 -20.78
N PHE A 472 10.82 23.16 -19.97
CA PHE A 472 10.59 21.85 -19.39
C PHE A 472 10.66 20.73 -20.40
N LEU A 473 10.06 20.94 -21.57
CA LEU A 473 10.02 19.92 -22.61
C LEU A 473 11.37 19.60 -23.24
N THR A 474 12.20 20.60 -23.36
CA THR A 474 13.54 20.41 -23.91
C THR A 474 14.32 19.62 -22.87
N PHE A 475 14.16 19.98 -21.59
CA PHE A 475 14.79 19.22 -20.48
C PHE A 475 14.33 17.77 -20.36
N HIS A 476 13.06 17.52 -20.57
CA HIS A 476 12.54 16.18 -20.50
C HIS A 476 13.15 15.38 -21.62
N ARG A 477 13.17 15.98 -22.82
CA ARG A 477 13.76 15.34 -24.00
C ARG A 477 15.24 15.01 -23.82
N HIS A 478 16.04 15.97 -23.37
CA HIS A 478 17.48 15.72 -23.17
C HIS A 478 17.73 14.64 -22.14
N VAL A 479 16.93 14.63 -21.08
CA VAL A 479 17.05 13.61 -20.08
C VAL A 479 16.76 12.21 -20.66
N GLN A 480 15.70 12.09 -21.45
CA GLN A 480 15.36 10.81 -22.10
C GLN A 480 16.35 10.41 -23.14
N GLU A 481 16.98 11.39 -23.79
CA GLU A 481 18.05 11.11 -24.76
C GLU A 481 19.21 10.48 -24.02
N GLU A 482 19.54 11.04 -22.85
CA GLU A 482 20.66 10.54 -22.04
C GLU A 482 20.42 9.11 -21.52
N ILE A 483 19.21 8.87 -21.01
CA ILE A 483 18.80 7.55 -20.49
C ILE A 483 18.77 6.45 -21.57
N ALA A 484 18.22 6.74 -22.74
CA ALA A 484 18.16 5.75 -23.82
C ALA A 484 19.56 5.42 -24.35
N GLY A 485 20.44 6.41 -24.37
CA GLY A 485 21.73 6.28 -24.99
C GLY A 485 22.83 5.82 -24.05
N ASP A 486 24.03 6.32 -24.31
CA ASP A 486 25.26 5.62 -23.97
C ASP A 486 26.38 6.46 -23.35
N ALA A 487 26.23 7.78 -23.30
CA ALA A 487 27.34 8.67 -22.96
C ALA A 487 27.56 8.73 -21.45
N PRO A 488 28.82 8.78 -20.99
CA PRO A 488 29.08 8.90 -19.55
C PRO A 488 28.47 10.16 -18.89
N SER A 489 28.10 11.15 -19.72
CA SER A 489 27.33 12.29 -19.27
C SER A 489 25.97 11.91 -18.68
N GLY A 490 25.39 10.80 -19.15
CA GLY A 490 24.14 10.25 -18.62
C GLY A 490 24.27 9.12 -17.61
N ALA A 491 25.49 8.82 -17.17
CA ALA A 491 25.75 7.70 -16.24
C ALA A 491 24.83 7.78 -15.04
N ASP A 492 24.83 8.91 -14.35
CA ASP A 492 24.00 9.06 -13.15
C ASP A 492 22.52 9.10 -13.41
N LEU A 493 22.09 9.73 -14.51
CA LEU A 493 20.68 9.68 -14.90
C LEU A 493 20.24 8.23 -15.14
N ARG A 494 21.09 7.41 -15.75
CA ARG A 494 20.72 6.00 -16.04
C ARG A 494 20.71 5.17 -14.75
N THR A 495 21.72 5.41 -13.90
CA THR A 495 21.81 4.80 -12.57
C THR A 495 20.61 5.10 -11.64
N PHE A 496 20.20 6.37 -11.55
CA PHE A 496 19.18 6.82 -10.57
C PHE A 496 17.78 7.14 -11.09
N VAL A 497 17.66 7.49 -12.37
CA VAL A 497 16.37 7.83 -13.02
C VAL A 497 15.90 6.80 -14.07
N GLY A 498 16.78 5.91 -14.51
CA GLY A 498 16.45 4.92 -15.54
C GLY A 498 15.89 3.65 -14.94
N ARG A 499 15.34 2.78 -15.78
CA ARG A 499 14.72 1.53 -15.30
C ARG A 499 15.74 0.67 -14.54
N SER A 500 15.21 -0.11 -13.60
CA SER A 500 15.96 -0.75 -12.50
C SER A 500 16.09 0.23 -11.30
N ALA A 501 15.76 -0.26 -10.10
CA ALA A 501 15.81 0.54 -8.87
C ALA A 501 17.22 1.00 -8.53
N PRO A 506 20.77 1.29 -3.86
CA PRO A 506 21.30 2.63 -4.31
C PRO A 506 22.77 2.97 -3.88
N PRO A 507 23.78 2.75 -4.78
CA PRO A 507 25.17 2.81 -4.31
C PRO A 507 25.65 4.27 -4.29
N LEU A 508 25.65 4.85 -3.10
CA LEU A 508 25.80 6.30 -2.91
C LEU A 508 27.14 6.76 -2.40
N ALA A 509 27.67 6.11 -1.35
CA ALA A 509 28.86 6.64 -0.63
C ALA A 509 30.13 6.65 -1.50
N HIS A 510 30.20 5.72 -2.46
CA HIS A 510 31.32 5.63 -3.43
C HIS A 510 30.96 6.26 -4.80
N SER A 511 30.03 7.24 -4.81
CA SER A 511 29.59 7.96 -6.04
C SER A 511 30.50 9.14 -6.31
N ARG A 512 30.43 9.62 -7.55
CA ARG A 512 31.22 10.74 -8.04
C ARG A 512 30.75 12.08 -7.50
N LEU A 513 29.45 12.21 -7.20
CA LEU A 513 28.91 13.53 -6.84
C LEU A 513 29.02 13.76 -5.35
N PRO A 514 29.44 14.98 -4.95
CA PRO A 514 29.68 15.20 -3.55
C PRO A 514 28.41 15.09 -2.73
N ARG A 515 27.25 15.46 -3.28
CA ARG A 515 26.04 15.51 -2.46
C ARG A 515 25.44 14.13 -2.23
N LEU A 516 25.75 13.19 -3.11
CA LEU A 516 25.30 11.83 -2.99
C LEU A 516 26.04 11.15 -1.84
N ARG A 517 27.30 11.55 -1.66
CA ARG A 517 28.14 11.01 -0.60
C ARG A 517 27.78 11.68 0.69
N GLU A 518 27.40 12.94 0.63
CA GLU A 518 26.92 13.56 1.82
C GLU A 518 25.60 12.83 2.19
N LEU A 519 24.69 12.64 1.26
CA LEU A 519 23.42 11.99 1.59
C LEU A 519 23.62 10.64 2.33
N ALA A 520 24.45 9.76 1.76
CA ALA A 520 24.83 8.49 2.38
C ALA A 520 25.28 8.65 3.82
N LYS A 521 26.17 9.60 4.03
CA LYS A 521 26.62 9.96 5.38
C LYS A 521 25.47 10.42 6.28
N LEU A 522 24.57 11.25 5.72
CA LEU A 522 23.41 11.75 6.50
C LEU A 522 22.44 10.61 6.86
N ARG A 523 22.26 9.66 5.93
CA ARG A 523 21.45 8.48 6.16
C ARG A 523 22.05 7.53 7.22
N GLU A 524 23.35 7.27 7.11
CA GLU A 524 24.05 6.43 8.05
C GLU A 524 23.96 7.08 9.43
N ALA A 525 24.11 8.42 9.53
CA ALA A 525 24.02 9.07 10.86
C ALA A 525 22.64 8.94 11.45
N ALA A 526 21.64 9.04 10.61
CA ALA A 526 20.23 8.93 11.03
C ALA A 526 19.95 7.51 11.51
N ARG A 527 20.35 6.55 10.69
CA ARG A 527 20.17 5.17 11.03
C ARG A 527 20.89 4.82 12.32
N GLU A 528 22.14 5.23 12.46
CA GLU A 528 22.94 4.83 13.64
C GLU A 528 22.49 5.55 14.89
N LEU A 529 21.96 6.75 14.77
CA LEU A 529 21.30 7.44 15.89
C LEU A 529 20.10 6.63 16.40
N ALA A 530 19.25 6.19 15.48
CA ALA A 530 18.07 5.47 15.87
C ALA A 530 18.39 4.14 16.54
N LEU A 531 19.29 3.39 15.94
CA LEU A 531 19.68 2.06 16.41
C LEU A 531 20.78 2.06 17.49
N GLY A 532 21.44 3.20 17.76
CA GLY A 532 22.53 3.28 18.78
C GLY A 532 21.99 3.51 20.19
N ARG A 533 21.29 2.52 20.72
CA ARG A 533 20.58 2.66 21.98
C ARG A 533 20.13 1.28 22.46
N PRO A 534 19.78 1.16 23.74
CA PRO A 534 19.44 -0.19 24.25
C PRO A 534 18.12 -0.74 23.75
N GLU A 535 18.12 -2.05 23.55
CA GLU A 535 16.91 -2.88 23.46
C GLU A 535 16.58 -3.22 24.89
N HIS A 536 15.49 -2.65 25.40
CA HIS A 536 14.79 -3.09 26.59
C HIS A 536 13.41 -3.63 26.18
N ASP A 537 13.16 -4.91 26.52
CA ASP A 537 11.87 -5.62 26.24
C ASP A 537 11.47 -5.61 24.76
N GLY A 538 12.45 -5.85 23.92
CA GLY A 538 12.30 -5.90 22.48
C GLY A 538 12.04 -4.56 21.81
N ILE A 539 12.30 -3.45 22.53
CA ILE A 539 12.03 -2.09 22.04
C ILE A 539 13.28 -1.20 22.15
N GLN A 540 13.61 -0.48 21.06
CA GLN A 540 14.61 0.60 21.10
C GLN A 540 13.78 1.85 21.04
N ARG A 541 13.95 2.75 22.02
CA ARG A 541 13.11 3.97 22.11
C ARG A 541 13.92 5.23 21.86
N VAL A 542 13.53 5.96 20.82
CA VAL A 542 14.18 7.21 20.44
C VAL A 542 13.31 8.32 21.00
N ASP A 543 13.93 9.39 21.52
CA ASP A 543 13.14 10.55 21.98
C ASP A 543 12.97 11.53 20.81
N PRO A 544 11.76 11.97 20.52
CA PRO A 544 11.65 12.88 19.37
C PRO A 544 12.65 14.06 19.35
N GLU A 545 13.08 14.59 20.50
CA GLU A 545 14.00 15.71 20.51
C GLU A 545 15.34 15.36 19.89
N GLU A 546 15.81 14.12 20.05
CA GLU A 546 17.06 13.70 19.42
C GLU A 546 16.95 13.85 17.89
N LEU A 547 15.78 13.52 17.32
CA LEU A 547 15.60 13.69 15.91
C LEU A 547 15.52 15.18 15.52
N ILE A 548 14.86 15.99 16.34
CA ILE A 548 14.82 17.42 16.10
C ILE A 548 16.25 18.00 16.13
N LYS A 549 17.07 17.57 17.10
CA LYS A 549 18.49 17.97 17.15
C LYS A 549 19.20 17.58 15.85
N GLN A 550 19.05 16.32 15.42
CA GLN A 550 19.72 15.85 14.22
C GLN A 550 19.27 16.62 12.98
N MET A 551 17.97 16.85 12.87
CA MET A 551 17.42 17.59 11.73
C MET A 551 17.95 19.04 11.61
N ALA A 552 18.14 19.75 12.72
CA ALA A 552 18.61 21.16 12.67
C ALA A 552 20.03 21.32 12.07
N THR A 553 20.76 20.22 11.97
CA THR A 553 22.03 20.12 11.31
C THR A 553 21.99 19.83 9.81
N TRP A 554 20.82 19.57 9.24
CA TRP A 554 20.74 19.12 7.85
C TRP A 554 20.87 20.28 6.86
N PRO A 555 21.39 20.00 5.67
CA PRO A 555 21.53 21.03 4.66
C PRO A 555 20.22 21.25 3.99
N GLU A 556 20.17 22.31 3.23
CA GLU A 556 18.95 22.87 2.72
C GLU A 556 18.36 22.07 1.59
N TRP A 557 19.14 21.16 1.03
CA TRP A 557 18.65 20.36 -0.07
C TRP A 557 17.84 19.15 0.37
N ILE A 558 17.80 18.86 1.66
CA ILE A 558 16.84 17.92 2.23
C ILE A 558 15.66 18.80 2.45
N VAL A 559 14.63 18.60 1.63
CA VAL A 559 13.38 19.32 1.85
C VAL A 559 12.28 18.35 2.23
N VAL A 560 11.52 18.82 3.17
CA VAL A 560 10.66 18.04 3.95
C VAL A 560 9.30 18.46 3.44
N PRO A 561 8.45 17.49 3.01
CA PRO A 561 7.11 17.84 2.54
C PRO A 561 6.34 18.71 3.54
N ARG A 562 5.48 19.58 3.03
CA ARG A 562 4.60 20.42 3.87
C ARG A 562 3.42 19.61 4.49
N SER A 563 3.11 18.48 3.88
CA SER A 563 1.98 17.66 4.29
C SER A 563 2.21 16.17 3.92
N CYS A 564 1.76 15.27 4.80
CA CYS A 564 1.78 13.85 4.51
C CYS A 564 0.51 13.17 4.93
N ALA A 565 0.13 12.18 4.13
CA ALA A 565 -0.90 11.24 4.50
C ALA A 565 -0.22 10.11 5.23
N CYS A 566 -0.55 9.95 6.52
CA CYS A 566 0.08 9.01 7.41
C CYS A 566 -0.95 7.96 7.74
N TYR A 567 -0.70 6.71 7.37
CA TYR A 567 -1.61 5.62 7.71
C TYR A 567 -1.12 4.99 9.01
N VAL A 568 -1.98 4.99 10.02
CA VAL A 568 -1.59 4.56 11.33
C VAL A 568 -2.64 3.69 11.98
N GLN A 569 -2.16 2.85 12.88
CA GLN A 569 -3.00 2.00 13.73
C GLN A 569 -2.64 2.23 15.18
N PRO A 570 -3.63 2.55 16.01
CA PRO A 570 -3.34 2.60 17.44
C PRO A 570 -3.04 1.23 18.02
N ALA A 571 -2.26 1.23 19.08
CA ALA A 571 -1.88 0.00 19.73
C ALA A 571 -1.84 0.28 21.25
N PRO A 572 -1.70 -0.75 22.10
CA PRO A 572 -1.77 -0.50 23.54
C PRO A 572 -0.75 0.52 24.07
N GLU A 573 -1.09 1.11 25.21
CA GLU A 573 -0.29 2.10 25.93
C GLU A 573 0.00 3.34 25.10
N GLY A 574 -1.01 3.83 24.41
CA GLY A 574 -0.91 5.07 23.69
C GLY A 574 -0.11 5.06 22.38
N ARG A 575 0.26 3.88 21.88
CA ARG A 575 1.10 3.79 20.69
C ARG A 575 0.35 4.07 19.43
N LEU A 576 1.03 4.64 18.43
CA LEU A 576 0.52 4.64 17.08
C LEU A 576 1.50 3.97 16.20
N VAL A 577 1.04 3.00 15.45
CA VAL A 577 1.90 2.22 14.62
C VAL A 577 1.82 2.80 13.22
N LEU A 578 2.97 3.18 12.65
CA LEU A 578 3.02 3.83 11.31
C LEU A 578 3.19 2.78 10.22
N ASN A 579 2.26 2.74 9.26
CA ASN A 579 2.33 1.72 8.19
C ASN A 579 2.91 2.34 6.92
N VAL A 580 2.23 3.33 6.40
CA VAL A 580 2.54 3.91 5.09
C VAL A 580 2.51 5.42 5.25
N VAL A 581 3.41 6.07 4.53
CA VAL A 581 3.41 7.52 4.38
C VAL A 581 3.35 7.76 2.90
N HIS A 582 2.43 8.61 2.47
CA HIS A 582 2.55 9.23 1.12
C HIS A 582 2.33 10.74 1.17
N GLY A 583 2.37 11.38 0.04
CA GLY A 583 2.16 12.76 0.04
C GLY A 583 0.76 12.97 0.54
N GLY A 584 0.54 14.12 1.10
CA GLY A 584 -0.77 14.44 1.53
C GLY A 584 -0.95 15.84 1.13
N HIS A 585 -1.84 16.12 0.21
CA HIS A 585 -2.48 17.46 0.26
C HIS A 585 -3.95 17.14 0.02
N GLY A 586 -4.38 16.07 0.68
CA GLY A 586 -5.70 15.48 0.54
C GLY A 586 -5.65 14.33 -0.47
N ARG A 587 -4.46 13.85 -0.80
CA ARG A 587 -4.29 12.79 -1.77
C ARG A 587 -5.38 11.71 -1.81
N GLY A 588 -5.40 10.86 -0.80
CA GLY A 588 -6.40 9.81 -0.73
C GLY A 588 -7.75 10.27 -0.24
N LEU A 589 -7.72 11.18 0.68
CA LEU A 589 -8.92 11.81 1.17
C LEU A 589 -9.82 12.46 0.09
N ARG A 590 -9.22 13.03 -0.97
CA ARG A 590 -10.01 13.67 -2.02
C ARG A 590 -10.80 12.64 -2.78
N ARG A 591 -10.20 11.47 -3.00
CA ARG A 591 -10.88 10.35 -3.61
C ARG A 591 -12.05 9.85 -2.75
N LEU A 592 -11.84 9.72 -1.45
CA LEU A 592 -12.92 9.39 -0.53
C LEU A 592 -14.10 10.37 -0.62
N SER A 593 -13.81 11.68 -0.56
CA SER A 593 -14.83 12.76 -0.69
C SER A 593 -15.63 12.63 -1.98
N HIS A 594 -14.92 12.46 -3.08
CA HIS A 594 -15.56 12.18 -4.33
C HIS A 594 -16.47 10.92 -4.30
N LEU A 595 -15.99 9.79 -3.78
CA LEU A 595 -16.83 8.58 -3.76
C LEU A 595 -18.07 8.73 -2.84
N ILE A 596 -17.90 9.35 -1.68
CA ILE A 596 -19.03 9.65 -0.79
C ILE A 596 -20.02 10.56 -1.49
N GLY A 597 -19.51 11.63 -2.11
CA GLY A 597 -20.33 12.54 -2.92
C GLY A 597 -21.19 11.80 -3.94
N ARG A 598 -20.58 10.84 -4.66
CA ARG A 598 -21.32 10.02 -5.61
C ARG A 598 -22.43 9.11 -5.01
N VAL A 599 -22.22 8.62 -3.78
CA VAL A 599 -23.18 7.76 -3.07
C VAL A 599 -24.31 8.60 -2.51
N ARG A 600 -23.96 9.76 -1.94
CA ARG A 600 -24.92 10.71 -1.35
C ARG A 600 -25.71 11.54 -2.37
N GLY A 601 -25.20 11.74 -3.57
CA GLY A 601 -25.84 12.64 -4.54
C GLY A 601 -25.53 14.11 -4.25
N GLU A 602 -24.51 14.41 -3.45
CA GLU A 602 -24.04 15.77 -3.23
C GLU A 602 -22.57 15.86 -2.80
N ALA A 603 -21.86 16.81 -3.37
CA ALA A 603 -20.43 16.92 -3.18
C ALA A 603 -20.04 17.25 -1.75
N VAL A 604 -18.88 16.73 -1.34
CA VAL A 604 -18.20 17.08 -0.10
C VAL A 604 -17.27 18.27 -0.44
N ASP A 605 -17.42 19.39 0.26
CA ASP A 605 -16.46 20.52 0.16
C ASP A 605 -15.08 20.20 0.79
N HIS A 606 -14.23 19.48 0.06
CA HIS A 606 -12.84 19.30 0.48
C HIS A 606 -12.06 20.63 0.32
N PRO A 607 -11.43 21.15 1.40
CA PRO A 607 -10.72 22.42 1.26
C PRO A 607 -9.55 22.41 0.27
N MET A 608 -9.33 23.56 -0.36
CA MET A 608 -8.32 23.71 -1.41
C MET A 608 -6.94 23.77 -0.82
N VAL A 609 -5.94 23.42 -1.61
CA VAL A 609 -4.52 23.62 -1.25
C VAL A 609 -4.20 25.13 -1.25
N ALA A 610 -3.40 25.56 -0.29
CA ALA A 610 -3.09 26.96 -0.13
C ALA A 610 -1.80 27.27 -0.86
N ASP A 611 -1.85 28.26 -1.76
CA ASP A 611 -0.67 28.69 -2.48
C ASP A 611 0.20 29.61 -1.59
N GLU A 612 1.36 29.12 -1.21
CA GLU A 612 2.27 29.85 -0.35
C GLU A 612 3.59 29.17 -0.20
N PRO A 613 4.63 29.94 0.07
CA PRO A 613 4.60 31.38 0.31
C PRO A 613 4.29 32.11 -0.97
N GLU A 614 4.23 33.44 -0.91
CA GLU A 614 3.95 34.22 -2.13
C GLU A 614 5.08 34.02 -3.17
N GLY A 615 4.68 33.90 -4.42
CA GLY A 615 5.60 33.54 -5.52
C GLY A 615 5.60 32.05 -5.84
N THR A 616 4.76 31.28 -5.14
CA THR A 616 4.76 29.81 -5.27
C THR A 616 3.33 29.33 -5.35
N VAL A 617 3.05 28.43 -6.30
CA VAL A 617 1.76 27.78 -6.41
C VAL A 617 1.96 26.29 -6.42
N TYR A 618 0.93 25.59 -5.94
CA TYR A 618 0.75 24.16 -6.15
C TYR A 618 -0.20 23.90 -7.29
N ALA A 619 0.17 22.94 -8.13
CA ALA A 619 -0.61 22.61 -9.31
C ALA A 619 -0.68 21.10 -9.52
N GLU A 620 -1.86 20.56 -9.54
CA GLU A 620 -1.96 19.18 -9.88
C GLU A 620 -2.02 19.05 -11.38
N LEU A 621 -1.58 17.91 -11.84
CA LEU A 621 -1.70 17.55 -13.24
C LEU A 621 -3.20 17.48 -13.60
N SER A 622 -3.56 18.00 -14.78
CA SER A 622 -4.96 18.06 -15.20
C SER A 622 -5.57 16.68 -15.46
N GLY A 623 -6.89 16.57 -15.36
CA GLY A 623 -7.59 15.36 -15.74
C GLY A 623 -7.27 14.13 -14.89
N SER A 624 -7.49 12.97 -15.45
CA SER A 624 -7.26 11.73 -14.73
C SER A 624 -6.02 10.91 -15.18
N LEU A 625 -5.29 11.40 -16.19
CA LEU A 625 -4.08 10.70 -16.67
C LEU A 625 -4.29 9.20 -16.91
N GLY A 626 -5.45 8.87 -17.45
CA GLY A 626 -5.77 7.48 -17.83
C GLY A 626 -6.21 6.56 -16.70
N SER A 627 -6.44 7.10 -15.46
CA SER A 627 -6.83 6.24 -14.30
C SER A 627 -8.11 6.69 -13.63
N THR A 628 -9.06 5.78 -13.42
CA THR A 628 -10.23 6.03 -12.57
C THR A 628 -9.85 6.39 -11.12
N LEU A 629 -8.66 5.97 -10.63
CA LEU A 629 -8.20 6.34 -9.30
C LEU A 629 -7.70 7.80 -9.14
N ASN A 630 -7.68 8.57 -10.24
CA ASN A 630 -7.29 9.99 -10.26
C ASN A 630 -8.47 10.92 -10.44
N VAL A 631 -9.67 10.43 -10.17
CA VAL A 631 -10.83 11.25 -10.30
C VAL A 631 -11.14 11.68 -8.88
N HIS A 632 -11.26 12.98 -8.69
CA HIS A 632 -11.35 13.55 -7.34
C HIS A 632 -11.80 15.01 -7.32
N VAL A 633 -12.15 15.43 -6.11
CA VAL A 633 -12.43 16.82 -5.81
C VAL A 633 -11.15 17.61 -6.15
N PRO A 634 -11.18 18.46 -7.16
CA PRO A 634 -10.05 19.27 -7.62
C PRO A 634 -9.48 20.15 -6.50
N GLY A 635 -8.23 19.89 -6.13
CA GLY A 635 -7.60 20.55 -5.03
C GLY A 635 -6.71 21.76 -5.12
N THR A 636 -6.30 22.12 -6.30
CA THR A 636 -5.45 23.28 -6.48
C THR A 636 -6.08 24.33 -7.35
N ARG A 637 -5.61 25.55 -7.21
CA ARG A 637 -6.08 26.71 -7.96
C ARG A 637 -5.74 26.61 -9.43
N TYR A 638 -4.46 26.48 -9.71
CA TYR A 638 -3.98 26.33 -11.06
C TYR A 638 -3.83 24.86 -11.33
N GLU A 639 -3.69 24.43 -12.56
CA GLU A 639 -3.36 23.07 -12.84
C GLU A 639 -2.37 23.01 -13.96
N ILE A 640 -1.54 21.97 -13.96
CA ILE A 640 -0.60 21.71 -15.03
C ILE A 640 -1.40 21.06 -16.14
N ASP A 641 -1.54 21.77 -17.26
CA ASP A 641 -2.35 21.26 -18.36
C ASP A 641 -1.54 20.24 -19.18
N TYR A 642 -1.98 19.00 -19.16
CA TYR A 642 -1.18 17.85 -19.52
C TYR A 642 -1.79 17.29 -20.77
N PRO A 643 -0.94 16.84 -21.70
CA PRO A 643 -1.39 16.47 -23.01
C PRO A 643 -2.77 15.89 -23.12
N PHE A 644 -3.00 14.61 -23.01
CA PHE A 644 -4.30 14.12 -23.44
C PHE A 644 -5.19 13.91 -22.25
N SER A 645 -5.26 14.87 -21.33
CA SER A 645 -5.93 14.68 -20.06
C SER A 645 -6.49 16.01 -19.64
N PRO A 646 -7.55 16.47 -20.33
CA PRO A 646 -8.02 17.81 -20.07
C PRO A 646 -8.72 17.91 -18.73
N GLY A 647 -8.51 19.02 -18.04
CA GLY A 647 -9.04 19.20 -16.72
C GLY A 647 -10.21 20.14 -16.76
N ASP A 648 -10.38 20.77 -15.60
CA ASP A 648 -11.64 21.24 -15.07
C ASP A 648 -11.56 22.70 -14.63
N ARG A 649 -10.73 23.50 -15.31
CA ARG A 649 -10.38 24.84 -14.83
C ARG A 649 -10.43 25.89 -15.93
N SER A 650 -10.56 27.15 -15.51
CA SER A 650 -10.49 28.30 -16.41
C SER A 650 -9.16 28.40 -17.18
N ARG A 651 -9.20 29.12 -18.29
CA ARG A 651 -8.01 29.29 -19.15
C ARG A 651 -6.88 29.97 -18.41
N ASP A 652 -7.22 31.01 -17.67
CA ASP A 652 -6.22 31.79 -16.91
C ASP A 652 -5.60 31.04 -15.72
N ARG A 653 -6.15 29.86 -15.44
CA ARG A 653 -5.73 28.97 -14.38
C ARG A 653 -5.03 27.71 -14.89
N ARG A 654 -4.73 27.65 -16.16
CA ARG A 654 -4.02 26.53 -16.76
C ARG A 654 -2.57 26.88 -17.02
N LEU A 655 -1.67 25.96 -16.63
CA LEU A 655 -0.27 26.07 -16.84
C LEU A 655 0.15 24.97 -17.77
N PRO A 656 0.06 25.20 -19.09
CA PRO A 656 0.43 24.11 -20.01
C PRO A 656 1.90 23.70 -19.89
N LEU A 657 2.18 22.44 -20.23
CA LEU A 657 3.53 21.92 -20.21
C LEU A 657 4.45 22.81 -20.98
N SER A 658 3.92 23.33 -22.12
CA SER A 658 4.65 24.31 -22.93
C SER A 658 5.11 25.57 -22.14
N ASP A 659 4.37 25.98 -21.12
CA ASP A 659 4.70 27.19 -20.30
C ASP A 659 5.69 26.92 -19.16
N LEU A 660 6.06 25.65 -18.90
CA LEU A 660 6.97 25.39 -17.77
C LEU A 660 8.43 25.51 -18.12
N GLU A 661 9.20 26.05 -17.20
CA GLU A 661 10.65 26.02 -17.30
C GLU A 661 11.35 25.56 -16.03
N VAL A 662 12.60 25.17 -16.19
CA VAL A 662 13.37 24.54 -15.16
C VAL A 662 14.60 25.38 -14.84
N VAL A 663 14.83 25.59 -13.55
CA VAL A 663 15.84 26.54 -13.07
C VAL A 663 16.50 25.94 -11.85
N LEU A 664 17.72 26.38 -11.52
CA LEU A 664 18.35 26.00 -10.25
C LEU A 664 18.02 27.02 -9.20
N ALA A 665 17.48 26.55 -8.09
CA ALA A 665 17.11 27.46 -7.01
C ALA A 665 18.37 27.76 -6.20
N PRO A 666 18.63 29.05 -5.93
CA PRO A 666 19.83 29.40 -5.16
C PRO A 666 19.75 29.01 -3.69
N GLU A 667 18.57 28.92 -3.10
CA GLU A 667 18.44 28.47 -1.70
C GLU A 667 18.93 27.02 -1.47
N THR A 668 18.48 26.11 -2.34
CA THR A 668 18.66 24.67 -2.14
C THR A 668 19.63 24.05 -3.11
N GLY A 669 19.87 24.69 -4.25
CA GLY A 669 20.68 24.10 -5.31
C GLY A 669 19.98 22.98 -6.03
N LEU A 670 18.66 22.89 -5.88
CA LEU A 670 17.86 21.87 -6.60
C LEU A 670 17.14 22.49 -7.78
N ALA A 671 16.70 21.67 -8.73
CA ALA A 671 15.95 22.10 -9.87
C ALA A 671 14.50 22.30 -9.45
N GLU A 672 13.91 23.40 -9.93
CA GLU A 672 12.52 23.77 -9.65
C GLU A 672 11.88 24.16 -10.97
N LEU A 673 10.57 24.25 -10.98
CA LEU A 673 9.85 24.66 -12.16
C LEU A 673 9.38 26.11 -11.98
N ARG A 674 9.34 26.88 -13.08
CA ARG A 674 8.68 28.18 -13.14
C ARG A 674 7.65 28.24 -14.28
N SER A 675 6.66 29.12 -14.12
CA SER A 675 5.76 29.51 -15.22
C SER A 675 6.45 30.63 -16.01
N ARG A 676 6.66 30.45 -17.32
CA ARG A 676 7.17 31.54 -18.20
C ARG A 676 6.15 32.69 -18.18
N ARG A 677 4.87 32.36 -18.31
CA ARG A 677 3.83 33.34 -18.44
C ARG A 677 3.66 34.15 -17.16
N LEU A 678 3.70 33.48 -16.01
CA LEU A 678 3.35 34.13 -14.73
C LEU A 678 4.50 34.32 -13.77
N GLY A 679 5.63 33.66 -13.99
CA GLY A 679 6.77 33.84 -13.11
C GLY A 679 6.80 33.11 -11.78
N PHE A 680 5.67 32.51 -11.34
CA PHE A 680 5.59 31.72 -10.10
C PHE A 680 6.50 30.47 -10.11
N ARG A 681 7.07 30.10 -8.98
CA ARG A 681 7.48 28.68 -8.81
C ARG A 681 6.21 27.84 -8.87
N VAL A 682 6.27 26.72 -9.58
CA VAL A 682 5.18 25.76 -9.70
C VAL A 682 5.63 24.43 -9.05
N ILE A 683 4.87 23.94 -8.09
CA ILE A 683 5.15 22.65 -7.43
C ILE A 683 4.08 21.68 -7.94
N PRO A 684 4.50 20.69 -8.74
CA PRO A 684 3.52 19.75 -9.25
C PRO A 684 3.05 18.82 -8.11
N LEU A 685 1.76 18.51 -8.09
CA LEU A 685 1.14 17.58 -7.14
C LEU A 685 0.46 16.46 -7.88
N HIS A 686 0.65 15.23 -7.41
CA HIS A 686 -0.15 14.12 -7.84
C HIS A 686 -1.08 13.85 -6.63
N LEU A 687 -2.34 14.27 -6.78
CA LEU A 687 -3.32 14.06 -5.72
C LEU A 687 -4.29 12.91 -5.96
N GLY A 688 -4.12 12.17 -7.03
CA GLY A 688 -4.95 11.01 -7.27
C GLY A 688 -4.26 9.80 -6.68
N MET A 689 -5.02 8.70 -6.57
CA MET A 689 -4.51 7.46 -5.99
C MET A 689 -3.85 6.47 -6.93
N ALA A 690 -3.72 6.80 -8.22
CA ALA A 690 -2.87 6.01 -9.10
C ALA A 690 -1.41 5.97 -8.60
N ALA A 691 -0.80 4.79 -8.67
CA ALA A 691 0.61 4.64 -8.35
C ALA A 691 1.46 5.39 -9.36
N GLU A 692 2.69 5.77 -8.95
CA GLU A 692 3.51 6.61 -9.81
C GLU A 692 3.91 5.98 -11.16
N PHE A 693 4.09 4.66 -11.22
CA PHE A 693 4.38 3.98 -12.53
C PHE A 693 3.22 3.94 -13.51
N GLN A 694 2.00 4.24 -13.06
CA GLN A 694 0.84 4.38 -13.93
C GLN A 694 0.71 5.79 -14.48
N LEU A 695 1.58 6.69 -14.02
CA LEU A 695 1.61 8.03 -14.61
C LEU A 695 2.34 7.95 -15.97
N PRO A 696 1.84 8.67 -17.00
CA PRO A 696 2.57 8.68 -18.28
C PRO A 696 3.93 9.37 -18.07
N PRO A 697 4.90 9.15 -18.98
CA PRO A 697 6.33 9.50 -18.69
C PRO A 697 6.70 10.92 -18.23
N ALA A 698 6.22 11.93 -18.92
CA ALA A 698 6.51 13.31 -18.55
C ALA A 698 5.88 13.61 -17.20
N ALA A 699 4.69 13.10 -16.97
CA ALA A 699 4.06 13.23 -15.64
C ALA A 699 4.83 12.52 -14.53
N ARG A 700 5.36 11.35 -14.83
CA ARG A 700 6.13 10.57 -13.89
C ARG A 700 7.39 11.34 -13.55
N PHE A 701 8.00 11.94 -14.55
CA PHE A 701 9.19 12.71 -14.36
C PHE A 701 8.92 13.94 -13.50
N LEU A 702 7.83 14.62 -13.75
CA LEU A 702 7.45 15.78 -12.94
C LEU A 702 7.28 15.40 -11.46
N GLU A 703 6.62 14.28 -11.19
CA GLU A 703 6.42 13.82 -9.83
C GLU A 703 7.72 13.44 -9.16
N ARG A 704 8.54 12.66 -9.86
CA ARG A 704 9.73 12.11 -9.25
C ARG A 704 10.81 13.11 -9.01
N ALA A 705 11.00 14.00 -9.98
CA ALA A 705 12.07 14.98 -9.96
C ALA A 705 11.68 16.28 -9.26
N PHE A 706 10.42 16.68 -9.39
CA PHE A 706 9.95 17.99 -8.93
C PHE A 706 8.85 17.94 -7.91
N GLY A 707 8.34 16.74 -7.57
CA GLY A 707 7.21 16.61 -6.62
C GLY A 707 7.77 16.73 -5.20
N VAL A 708 6.91 16.98 -4.22
CA VAL A 708 7.38 17.20 -2.83
C VAL A 708 6.73 16.24 -1.81
N THR A 709 6.67 14.96 -2.16
CA THR A 709 6.17 13.88 -1.32
C THR A 709 7.28 12.83 -1.31
N TYR A 710 7.17 11.76 -0.49
CA TYR A 710 8.18 10.68 -0.52
C TYR A 710 7.86 9.19 -0.73
N LEU A 711 6.79 8.71 -0.12
CA LEU A 711 6.52 7.24 -0.04
C LEU A 711 7.38 6.47 1.02
N LEU A 712 6.74 6.04 2.11
CA LEU A 712 7.28 5.05 3.07
C LEU A 712 6.38 3.80 2.93
N HIS A 713 6.98 2.62 2.76
CA HIS A 713 6.25 1.32 2.64
C HIS A 713 6.93 0.25 3.57
N PRO A 714 6.17 -0.68 4.21
CA PRO A 714 6.80 -1.78 5.03
C PRO A 714 7.81 -2.78 4.38
N PRO A 728 23.65 -13.77 9.96
CA PRO A 728 22.90 -14.79 9.25
C PRO A 728 23.48 -16.22 9.31
N GLN A 729 22.60 -17.19 9.15
CA GLN A 729 22.81 -18.64 9.45
C GLN A 729 22.13 -19.11 10.77
N GLU A 730 21.65 -18.19 11.62
CA GLU A 730 20.82 -18.46 12.85
C GLU A 730 19.56 -17.62 12.71
N VAL A 731 18.64 -17.66 13.68
CA VAL A 731 17.49 -16.71 13.70
C VAL A 731 17.96 -15.40 14.25
N THR A 732 17.75 -14.30 13.50
CA THR A 732 18.17 -12.94 13.95
C THR A 732 16.97 -12.03 14.32
N ARG A 733 17.01 -11.49 15.55
CA ARG A 733 15.96 -10.67 16.13
C ARG A 733 16.27 -9.20 15.96
N TYR A 734 15.32 -8.46 15.41
CA TYR A 734 15.44 -7.00 15.31
C TYR A 734 14.42 -6.39 16.26
N PRO A 735 14.83 -5.51 17.15
CA PRO A 735 13.85 -4.89 18.03
C PRO A 735 12.90 -3.93 17.35
N ARG A 736 11.80 -3.70 17.98
CA ARG A 736 10.87 -2.71 17.53
C ARG A 736 11.52 -1.37 17.76
N VAL A 737 11.32 -0.42 16.87
CA VAL A 737 11.84 0.93 17.03
C VAL A 737 10.69 1.90 17.19
N GLU A 738 10.72 2.67 18.25
CA GLU A 738 9.70 3.67 18.58
C GLU A 738 10.34 5.04 18.66
N VAL A 739 9.65 6.04 18.11
CA VAL A 739 10.01 7.44 18.32
C VAL A 739 8.91 8.07 19.15
N GLY A 740 9.21 8.39 20.42
CA GLY A 740 8.20 8.56 21.49
C GLY A 740 7.11 7.49 21.41
N ARG A 741 5.89 7.91 21.07
CA ARG A 741 4.73 7.01 20.88
C ARG A 741 4.56 6.33 19.51
N VAL A 742 5.36 6.71 18.53
CA VAL A 742 5.12 6.23 17.21
C VAL A 742 5.97 5.03 16.99
N VAL A 743 5.35 3.93 16.58
CA VAL A 743 6.12 2.76 16.24
C VAL A 743 6.52 2.97 14.79
N VAL A 744 7.84 3.11 14.57
CA VAL A 744 8.42 3.28 13.23
C VAL A 744 8.79 1.96 12.59
N GLN A 745 9.24 0.98 13.36
CA GLN A 745 9.54 -0.35 12.84
C GLN A 745 9.08 -1.39 13.82
N ARG A 746 8.21 -2.27 13.39
CA ARG A 746 7.72 -3.33 14.23
C ARG A 746 8.82 -4.32 14.48
N ARG A 747 8.76 -4.99 15.60
CA ARG A 747 9.71 -6.04 15.93
C ARG A 747 9.69 -7.17 14.87
N ARG A 748 10.85 -7.67 14.49
CA ARG A 748 11.00 -8.69 13.47
C ARG A 748 11.97 -9.84 13.78
N TRP A 749 11.83 -10.94 13.06
CA TRP A 749 12.68 -12.11 13.25
C TRP A 749 13.03 -12.71 11.92
N LEU A 750 14.32 -12.85 11.66
CA LEU A 750 14.77 -13.30 10.37
C LEU A 750 15.30 -14.73 10.50
N ALA A 751 14.70 -15.61 9.71
CA ALA A 751 14.95 -17.04 9.78
C ALA A 751 15.45 -17.49 8.41
N PRO A 752 16.73 -17.89 8.32
CA PRO A 752 17.18 -18.48 7.09
C PRO A 752 16.52 -19.82 6.87
N ALA A 753 16.25 -20.07 5.59
CA ALA A 753 15.89 -21.37 5.03
C ALA A 753 16.04 -22.58 5.96
N GLY A 754 17.28 -22.85 6.38
CA GLY A 754 17.62 -24.05 7.13
C GLY A 754 17.26 -24.12 8.61
N THR A 755 16.84 -22.98 9.18
CA THR A 755 16.44 -22.94 10.59
C THR A 755 15.00 -23.44 10.77
N LEU A 756 14.18 -23.23 9.74
CA LEU A 756 12.74 -23.34 9.90
C LEU A 756 12.30 -24.82 9.83
N PRO A 757 11.47 -25.29 10.80
CA PRO A 757 11.11 -26.71 10.74
C PRO A 757 10.30 -27.01 9.50
N ILE A 758 10.64 -28.09 8.80
CA ILE A 758 9.89 -28.50 7.59
C ILE A 758 9.21 -29.82 7.85
N ARG A 759 7.98 -29.91 7.36
CA ARG A 759 7.20 -31.12 7.46
C ARG A 759 8.04 -32.19 6.79
N ALA A 760 8.44 -33.16 7.57
CA ALA A 760 9.17 -34.27 7.04
C ALA A 760 8.21 -35.44 6.95
N ASP A 764 4.42 -36.86 8.63
CA ASP A 764 4.30 -35.88 9.69
C ASP A 764 2.85 -35.46 9.65
N ASP A 765 2.22 -35.27 10.79
CA ASP A 765 0.81 -34.85 10.83
C ASP A 765 0.30 -33.59 11.59
N ALA A 766 0.69 -33.47 12.85
CA ALA A 766 0.29 -32.37 13.77
C ALA A 766 1.38 -32.31 14.82
N SER A 767 2.31 -33.19 14.55
CA SER A 767 3.53 -33.33 15.24
C SER A 767 4.27 -32.23 14.54
N TYR A 768 3.84 -31.90 13.33
CA TYR A 768 4.48 -30.74 12.66
C TYR A 768 4.21 -29.42 13.47
N LEU A 769 2.97 -29.19 13.89
CA LEU A 769 2.65 -27.96 14.61
C LEU A 769 3.44 -27.91 15.92
N LEU A 770 3.60 -29.05 16.55
CA LEU A 770 4.36 -29.15 17.79
C LEU A 770 5.81 -28.73 17.61
N ARG A 771 6.44 -29.22 16.56
CA ARG A 771 7.81 -28.87 16.29
C ARG A 771 7.93 -27.40 15.89
N LEU A 772 6.98 -26.89 15.12
CA LEU A 772 6.97 -25.50 14.71
C LEU A 772 6.87 -24.55 15.91
N VAL A 773 5.91 -24.80 16.77
CA VAL A 773 5.69 -24.01 17.98
C VAL A 773 6.89 -24.13 18.92
N ALA A 774 7.54 -25.29 18.95
CA ALA A 774 8.73 -25.43 19.80
C ALA A 774 9.81 -24.50 19.31
N TRP A 775 10.02 -24.46 17.99
CA TRP A 775 10.97 -23.54 17.38
C TRP A 775 10.58 -22.06 17.52
N THR A 776 9.30 -21.73 17.35
CA THR A 776 8.87 -20.33 17.52
C THR A 776 9.00 -19.89 18.94
N ASP A 777 8.55 -20.71 19.89
CA ASP A 777 8.71 -20.38 21.31
C ASP A 777 10.15 -20.20 21.71
N ALA A 778 11.01 -21.12 21.29
CA ALA A 778 12.45 -21.04 21.57
C ALA A 778 13.14 -19.80 20.97
N ASN A 779 12.52 -19.16 19.96
CA ASN A 779 13.10 -18.01 19.30
C ASN A 779 12.38 -16.71 19.62
N GLY A 780 11.44 -16.75 20.56
CA GLY A 780 10.67 -15.60 20.95
C GLY A 780 9.63 -15.16 19.93
N ILE A 781 9.32 -15.99 18.95
CA ILE A 781 8.38 -15.59 17.89
C ILE A 781 6.96 -15.77 18.41
N PRO A 782 6.14 -14.67 18.44
CA PRO A 782 4.81 -14.76 19.02
C PRO A 782 3.85 -15.63 18.16
N THR A 783 2.74 -15.98 18.77
CA THR A 783 1.68 -16.78 18.20
C THR A 783 1.08 -16.22 16.93
N ARG A 784 0.86 -14.93 16.93
CA ARG A 784 0.32 -14.23 15.80
C ARG A 784 1.38 -13.33 15.22
N SER A 785 1.51 -13.33 13.92
CA SER A 785 2.49 -12.50 13.25
C SER A 785 2.19 -12.33 11.78
N PHE A 786 2.95 -11.46 11.13
CA PHE A 786 2.82 -11.31 9.70
C PHE A 786 4.14 -11.74 9.13
N VAL A 787 4.04 -12.63 8.16
CA VAL A 787 5.17 -13.31 7.54
C VAL A 787 5.42 -12.82 6.10
N ARG A 788 6.68 -12.63 5.76
CA ARG A 788 7.17 -12.41 4.39
C ARG A 788 8.38 -13.34 4.19
N LYS A 804 3.87 -9.62 -0.42
CA LYS A 804 2.90 -9.01 0.51
C LYS A 804 2.88 -9.86 1.78
N PRO A 805 2.60 -9.26 2.94
CA PRO A 805 2.67 -10.09 4.17
C PRO A 805 1.47 -11.04 4.33
N LEU A 806 1.72 -12.24 4.81
CA LEU A 806 0.67 -13.17 5.22
C LEU A 806 0.43 -13.16 6.77
N PHE A 807 -0.83 -13.10 7.16
CA PHE A 807 -1.21 -13.26 8.57
C PHE A 807 -1.08 -14.70 9.04
N LEU A 808 -0.21 -14.92 10.02
CA LEU A 808 0.02 -16.23 10.62
C LEU A 808 -0.48 -16.23 12.08
N ASP A 809 -1.49 -17.06 12.33
CA ASP A 809 -1.92 -17.41 13.66
C ASP A 809 -1.68 -18.93 13.81
N LEU A 810 -0.72 -19.27 14.68
CA LEU A 810 -0.30 -20.67 14.85
C LEU A 810 -1.39 -21.56 15.41
N ALA A 811 -2.41 -20.96 16.02
CA ALA A 811 -3.59 -21.66 16.51
C ALA A 811 -4.63 -21.97 15.41
N ASN A 812 -4.48 -21.29 14.28
CA ASN A 812 -5.36 -21.46 13.13
C ASN A 812 -4.83 -22.55 12.20
N PRO A 813 -5.55 -23.66 12.08
CA PRO A 813 -4.97 -24.77 11.32
C PRO A 813 -4.86 -24.54 9.82
N PHE A 814 -5.72 -23.66 9.29
CA PHE A 814 -5.73 -23.31 7.85
C PHE A 814 -4.52 -22.44 7.55
N LEU A 815 -4.29 -21.45 8.40
CA LEU A 815 -3.20 -20.48 8.21
C LEU A 815 -1.82 -21.09 8.42
N VAL A 816 -1.72 -22.03 9.34
CA VAL A 816 -0.51 -22.78 9.44
C VAL A 816 -0.18 -23.51 8.12
N LYS A 817 -1.14 -24.18 7.47
CA LYS A 817 -0.90 -24.88 6.20
C LYS A 817 -0.60 -23.87 5.09
N VAL A 818 -1.29 -22.74 5.10
CA VAL A 818 -1.00 -21.70 4.11
C VAL A 818 0.43 -21.23 4.33
N PHE A 819 0.83 -21.00 5.57
CA PHE A 819 2.20 -20.68 5.84
C PHE A 819 3.16 -21.80 5.38
N GLU A 820 2.86 -23.07 5.68
CA GLU A 820 3.75 -24.17 5.24
C GLU A 820 4.08 -24.11 3.76
N ARG A 821 3.05 -23.88 2.98
CA ARG A 821 3.16 -23.90 1.54
C ARG A 821 3.89 -22.65 1.06
N GLN A 822 3.51 -21.45 1.52
CA GLN A 822 4.11 -20.20 1.03
C GLN A 822 5.61 -20.10 1.24
N ILE A 823 6.16 -20.63 2.32
CA ILE A 823 7.62 -20.62 2.55
C ILE A 823 8.39 -21.76 1.88
N ARG A 824 7.74 -22.59 1.07
CA ARG A 824 8.47 -23.64 0.34
C ARG A 824 9.50 -22.99 -0.55
N ASP A 825 10.71 -23.55 -0.51
CA ASP A 825 11.81 -23.11 -1.37
C ASP A 825 12.17 -21.61 -1.20
N CYS A 826 11.89 -21.00 -0.04
CA CYS A 826 12.31 -19.62 0.19
C CYS A 826 13.71 -19.60 0.83
N ALA A 827 14.45 -18.53 0.59
CA ALA A 827 15.79 -18.38 1.11
C ALA A 827 15.73 -17.85 2.53
N PHE A 828 14.83 -16.89 2.77
CA PHE A 828 14.60 -16.33 4.10
C PHE A 828 13.12 -16.25 4.37
N VAL A 829 12.75 -16.33 5.65
CA VAL A 829 11.41 -15.96 6.12
C VAL A 829 11.51 -14.86 7.16
N LEU A 830 10.71 -13.82 7.01
CA LEU A 830 10.68 -12.70 7.92
C LEU A 830 9.37 -12.71 8.71
N PHE A 831 9.44 -12.86 10.03
CA PHE A 831 8.25 -12.72 10.90
C PHE A 831 8.24 -11.34 11.51
N GLU A 832 7.05 -10.77 11.62
CA GLU A 832 6.86 -9.42 12.15
C GLU A 832 5.76 -9.47 13.19
N GLU A 833 5.95 -8.87 14.36
CA GLU A 833 4.89 -8.84 15.33
C GLU A 833 3.63 -8.23 14.72
N ALA A 834 2.50 -8.82 15.10
CA ALA A 834 1.16 -8.30 14.80
C ALA A 834 0.89 -7.20 15.80
N LEU A 835 0.96 -5.95 15.37
CA LEU A 835 0.83 -4.80 16.29
C LEU A 835 0.14 -3.65 15.55
N PRO A 836 -1.06 -3.21 16.00
CA PRO A 836 -1.78 -3.82 17.11
C PRO A 836 -2.16 -5.26 16.79
N ASP A 837 -2.24 -6.07 17.82
CA ASP A 837 -2.83 -7.41 17.71
C ASP A 837 -4.39 -7.28 17.43
N PRO A 838 -4.94 -8.09 16.54
CA PRO A 838 -6.39 -8.16 16.33
C PRO A 838 -7.24 -8.17 17.59
N ALA A 839 -6.83 -8.96 18.55
CA ALA A 839 -7.47 -8.95 19.86
C ALA A 839 -7.42 -7.55 20.54
N ASP A 840 -6.44 -6.70 20.23
CA ASP A 840 -6.43 -5.29 20.69
C ASP A 840 -7.38 -4.41 19.87
N ALA A 841 -8.32 -4.97 19.10
CA ALA A 841 -9.25 -4.11 18.38
C ALA A 841 -10.13 -3.35 19.41
N PRO A 842 -10.31 -2.01 19.22
CA PRO A 842 -11.10 -1.16 20.13
C PRO A 842 -12.59 -1.56 20.17
N PRO A 843 -13.11 -2.02 21.35
CA PRO A 843 -14.55 -2.35 21.55
C PRO A 843 -15.57 -1.35 21.02
N ARG A 844 -16.79 -1.85 20.88
N ARG A 844 -16.78 -1.84 20.78
CA ARG A 844 -17.86 -1.20 20.11
CA ARG A 844 -17.82 -1.02 20.14
C ARG A 844 -19.13 -1.06 20.95
C ARG A 844 -19.14 -1.07 20.91
N GLU A 845 -20.01 -0.13 20.58
CA GLU A 845 -21.37 -0.04 21.18
C GLU A 845 -22.28 -1.14 20.63
N GLY A 846 -22.98 -1.85 21.50
CA GLY A 846 -24.16 -2.64 21.13
C GLY A 846 -23.89 -4.03 20.60
N SER A 847 -24.55 -4.39 19.50
CA SER A 847 -24.22 -5.65 18.79
C SER A 847 -23.03 -5.59 17.77
N ASP A 848 -22.39 -4.42 17.56
CA ASP A 848 -21.33 -4.33 16.53
C ASP A 848 -20.12 -4.99 17.10
N LEU A 849 -19.45 -5.81 16.30
CA LEU A 849 -18.34 -6.59 16.83
C LEU A 849 -17.05 -5.75 16.64
N PRO A 850 -16.05 -5.91 17.53
CA PRO A 850 -14.71 -5.35 17.29
C PRO A 850 -14.17 -5.74 15.91
N ARG A 851 -13.60 -4.76 15.25
CA ARG A 851 -12.98 -4.88 13.92
C ARG A 851 -11.64 -4.18 13.95
N VAL A 852 -10.73 -4.68 13.11
CA VAL A 852 -9.45 -4.04 12.84
C VAL A 852 -9.67 -2.79 11.99
N ILE A 853 -8.97 -1.70 12.35
CA ILE A 853 -9.06 -0.44 11.62
C ILE A 853 -7.70 0.20 11.41
N GLU A 854 -7.68 1.14 10.48
CA GLU A 854 -6.51 1.95 10.22
C GLU A 854 -7.00 3.34 9.95
N PHE A 855 -6.20 4.31 10.37
CA PHE A 855 -6.53 5.72 10.17
C PHE A 855 -5.61 6.37 9.16
N LEU A 856 -6.17 7.20 8.29
CA LEU A 856 -5.44 8.05 7.42
C LEU A 856 -5.53 9.38 8.14
N VAL A 857 -4.37 9.86 8.59
CA VAL A 857 -4.29 11.16 9.25
C VAL A 857 -3.43 12.03 8.35
N GLU A 858 -3.98 13.16 7.92
CA GLU A 858 -3.23 14.14 7.18
C GLU A 858 -2.63 15.20 8.13
N LEU A 859 -1.29 15.23 8.17
CA LEU A 859 -0.52 16.02 9.12
C LEU A 859 0.19 17.07 8.32
N GLY A 860 0.16 18.31 8.80
CA GLY A 860 0.67 19.45 8.02
C GLY A 860 1.18 20.60 8.88
#